data_2IXP
#
_entry.id   2IXP
#
_cell.length_a   86.886
_cell.length_b   86.886
_cell.length_c   410.626
_cell.angle_alpha   90.00
_cell.angle_beta   90.00
_cell.angle_gamma   120.00
#
_symmetry.space_group_name_H-M   'P 65'
#
loop_
_entity.id
_entity.type
_entity.pdbx_description
1 polymer 'SERINE/THREONINE-PROTEIN PHOSPHATASE 2A ACTIVATOR 1'
2 polymer SIN-ALA-ALA-PRO-LYS-NIT
3 non-polymer 'SULFATE ION'
4 non-polymer 'CHLORIDE ION'
#
loop_
_entity_poly.entity_id
_entity_poly.type
_entity_poly.pdbx_seq_one_letter_code
_entity_poly.pdbx_strand_id
1 'polypeptide(L)'
;MSLDRVDWPHATFSTPVKRIFDTQTTLDFQSSLAIHRIKYHLHKYTTLISHCSDPDPHATASSIAMVNGLMGVLDKLAHL
IDETPPLPGPRRYGNLACREWHHKLDERLPQWLQEMLPSEYHEVVPELQYYLGNSFGSSTRLDYGTGHELSFMATVAALD
MLGMFPHMRGADVFLLFNKYYTIMRRLILTYTLEPAGSHGVWGLDDHFHLVYILGSSQWQLLDAQAPLQPREILDKSLVR
EYKDTNFYCQGINFINEVKMGPFEEHSPILYDIAVTVPRWSKVCKGLLKMYSVEVLKKFPVVQHFWFGTGFFPWVNIHHH
HHH
;
A,B,C,D
2 'polypeptide(L)' (SIN)AAPK(NIT) F,G,H,I
#
# COMPACT_ATOMS: atom_id res chain seq x y z
N SER A 2 -3.22 -17.09 10.46
CA SER A 2 -3.16 -16.50 11.83
C SER A 2 -3.52 -15.03 11.79
N LEU A 3 -3.87 -14.44 12.93
CA LEU A 3 -4.23 -13.02 12.98
C LEU A 3 -3.14 -12.19 12.35
N ASP A 4 -1.96 -12.78 12.34
CA ASP A 4 -0.77 -11.98 12.29
C ASP A 4 -0.11 -11.84 10.93
N ARG A 5 -0.03 -12.94 10.14
CA ARG A 5 0.66 -12.93 8.83
C ARG A 5 -0.30 -13.18 7.68
N VAL A 6 0.20 -13.24 6.45
CA VAL A 6 -0.59 -13.71 5.31
C VAL A 6 0.23 -14.74 4.54
N ASP A 7 -0.42 -15.84 4.15
CA ASP A 7 0.22 -16.96 3.41
C ASP A 7 0.98 -16.60 2.09
N TRP A 8 2.02 -15.76 2.19
CA TRP A 8 2.58 -15.15 0.98
C TRP A 8 3.79 -15.90 0.33
N PRO A 9 3.68 -16.35 -0.96
CA PRO A 9 2.53 -16.24 -1.89
C PRO A 9 1.73 -17.55 -2.04
N HIS A 10 0.63 -17.64 -1.29
CA HIS A 10 -0.36 -18.70 -1.51
C HIS A 10 -1.82 -18.37 -1.12
N ALA A 11 -2.06 -17.39 -0.26
CA ALA A 11 -3.42 -16.82 -0.18
C ALA A 11 -3.57 -15.84 -1.38
N THR A 12 -4.76 -15.73 -1.97
CA THR A 12 -4.90 -14.93 -3.18
C THR A 12 -5.60 -13.64 -2.83
N PHE A 13 -5.46 -12.64 -3.70
CA PHE A 13 -5.95 -11.27 -3.39
C PHE A 13 -6.94 -10.81 -4.41
N SER A 14 -8.09 -10.28 -4.01
CA SER A 14 -9.03 -9.74 -5.01
C SER A 14 -9.69 -8.45 -4.53
N THR A 15 -10.06 -7.59 -5.49
CA THR A 15 -10.79 -6.35 -5.25
C THR A 15 -11.83 -6.66 -4.18
N PRO A 16 -11.74 -5.94 -3.05
CA PRO A 16 -12.73 -6.08 -1.99
C PRO A 16 -14.13 -5.82 -2.55
N VAL A 17 -15.13 -6.13 -1.75
CA VAL A 17 -16.47 -6.26 -2.30
C VAL A 17 -17.40 -6.30 -1.12
N LYS A 18 -18.55 -5.64 -1.27
CA LYS A 18 -19.38 -5.21 -0.14
C LYS A 18 -19.80 -6.45 0.62
N ARG A 19 -19.73 -6.45 1.95
CA ARG A 19 -20.18 -7.64 2.65
C ARG A 19 -21.15 -7.43 3.76
N ILE A 20 -20.94 -6.39 4.56
CA ILE A 20 -21.93 -6.02 5.56
C ILE A 20 -23.15 -5.31 4.99
N PHE A 21 -24.30 -5.93 5.18
CA PHE A 21 -25.51 -5.43 4.56
C PHE A 21 -26.59 -5.00 5.51
N ASP A 22 -26.67 -5.58 6.71
CA ASP A 22 -27.85 -5.38 7.59
C ASP A 22 -27.55 -5.72 9.05
N THR A 23 -28.59 -5.88 9.88
CA THR A 23 -28.27 -6.24 11.27
C THR A 23 -27.64 -7.61 11.35
N GLN A 24 -28.27 -8.58 10.67
CA GLN A 24 -27.78 -9.91 10.62
C GLN A 24 -26.30 -9.87 10.31
N THR A 25 -25.97 -9.44 9.11
CA THR A 25 -24.58 -9.61 8.66
C THR A 25 -23.47 -8.81 9.44
N THR A 26 -23.83 -7.69 10.08
CA THR A 26 -22.95 -7.05 11.13
C THR A 26 -22.71 -8.02 12.32
N LEU A 27 -23.68 -8.85 12.63
CA LEU A 27 -23.39 -9.79 13.70
C LEU A 27 -22.49 -10.97 13.25
N ASP A 28 -22.60 -11.44 12.01
CA ASP A 28 -21.62 -12.43 11.47
C ASP A 28 -20.21 -11.84 11.44
N PHE A 29 -20.06 -10.76 10.70
CA PHE A 29 -18.82 -10.05 10.70
C PHE A 29 -18.12 -10.12 12.05
N GLN A 30 -18.88 -10.16 13.14
CA GLN A 30 -18.24 -10.16 14.48
C GLN A 30 -17.35 -11.38 14.71
N SER A 31 -17.50 -12.43 13.89
CA SER A 31 -16.65 -13.65 13.95
C SER A 31 -15.77 -13.90 12.70
N SER A 32 -15.64 -12.89 11.87
CA SER A 32 -14.83 -12.96 10.67
C SER A 32 -13.34 -12.97 11.05
N LEU A 33 -12.53 -13.58 10.20
CA LEU A 33 -11.10 -13.54 10.34
C LEU A 33 -10.80 -12.07 10.28
N ALA A 34 -11.41 -11.35 9.36
CA ALA A 34 -11.08 -9.93 9.16
C ALA A 34 -11.14 -9.12 10.45
N ILE A 35 -12.17 -9.37 11.26
CA ILE A 35 -12.43 -8.58 12.46
C ILE A 35 -11.34 -8.78 13.50
N HIS A 36 -10.85 -10.03 13.60
CA HIS A 36 -9.81 -10.43 14.58
C HIS A 36 -8.46 -9.92 14.11
N ARG A 37 -8.22 -10.01 12.81
CA ARG A 37 -7.10 -9.33 12.20
C ARG A 37 -7.13 -7.84 12.43
N ILE A 38 -8.32 -7.23 12.47
CA ILE A 38 -8.40 -5.80 12.85
C ILE A 38 -8.14 -5.62 14.35
N LYS A 39 -8.86 -6.40 15.19
CA LYS A 39 -8.71 -6.27 16.64
C LYS A 39 -7.24 -6.46 17.06
N TYR A 40 -6.60 -7.51 16.50
CA TYR A 40 -5.16 -7.81 16.67
C TYR A 40 -4.20 -6.68 16.37
N HIS A 41 -4.39 -6.00 15.27
CA HIS A 41 -3.52 -4.87 15.05
C HIS A 41 -3.95 -3.67 15.90
N LEU A 42 -5.23 -3.64 16.28
CA LEU A 42 -5.63 -2.56 17.15
C LEU A 42 -4.80 -2.64 18.35
N HIS A 43 -4.76 -3.81 18.98
CA HIS A 43 -4.04 -3.91 20.25
C HIS A 43 -2.56 -3.55 20.08
N LYS A 44 -1.89 -4.24 19.16
CA LYS A 44 -0.50 -3.97 18.76
C LYS A 44 -0.11 -2.49 18.74
N TYR A 45 -0.79 -1.70 17.92
CA TYR A 45 -0.40 -0.32 17.76
C TYR A 45 -0.54 0.38 19.06
N THR A 46 -1.72 0.20 19.68
CA THR A 46 -2.02 0.66 21.05
C THR A 46 -0.92 0.33 22.10
N THR A 47 -0.54 -0.91 22.33
CA THR A 47 0.51 -1.12 23.31
C THR A 47 1.88 -0.59 22.88
N LEU A 48 2.16 -0.62 21.56
CA LEU A 48 3.45 -0.15 21.01
C LEU A 48 3.54 1.31 21.32
N ILE A 49 2.46 1.99 20.99
CA ILE A 49 2.54 3.42 21.13
C ILE A 49 2.63 3.88 22.60
N SER A 50 2.29 3.03 23.56
CA SER A 50 2.35 3.46 24.93
C SER A 50 3.81 3.49 25.30
N HIS A 51 4.64 3.20 24.32
CA HIS A 51 6.10 3.17 24.54
C HIS A 51 6.63 4.60 24.22
N CYS A 52 5.76 5.45 23.65
CA CYS A 52 6.16 6.65 22.95
C CYS A 52 5.38 7.87 23.39
N SER A 53 5.55 8.23 24.66
CA SER A 53 4.92 9.37 25.26
C SER A 53 5.53 10.68 24.80
N ASP A 54 6.68 10.63 24.20
CA ASP A 54 7.41 11.84 24.00
C ASP A 54 8.15 11.83 22.70
N PRO A 55 7.40 11.67 21.56
CA PRO A 55 7.93 11.35 20.17
C PRO A 55 8.62 12.57 19.55
N ASP A 56 9.55 12.39 18.64
CA ASP A 56 10.15 13.62 18.07
C ASP A 56 9.23 14.32 17.10
N PRO A 57 8.64 15.45 17.52
CA PRO A 57 7.60 16.15 16.75
C PRO A 57 8.16 16.78 15.46
N HIS A 58 9.45 16.68 15.16
CA HIS A 58 9.84 16.98 13.80
C HIS A 58 10.74 15.94 13.29
N ALA A 59 10.45 14.72 13.69
CA ALA A 59 10.98 13.53 13.02
C ALA A 59 10.43 13.48 11.61
N THR A 60 11.27 13.08 10.64
CA THR A 60 10.73 12.73 9.33
C THR A 60 10.71 11.27 9.00
N ALA A 61 11.76 10.55 9.35
CA ALA A 61 11.92 9.25 8.74
C ALA A 61 12.05 8.11 9.78
N SER A 62 11.33 7.01 9.60
CA SER A 62 11.58 5.86 10.46
C SER A 62 12.87 5.23 10.00
N SER A 63 13.28 4.17 10.67
CA SER A 63 14.45 3.43 10.32
C SER A 63 14.02 2.21 9.56
N ILE A 64 12.70 2.01 9.50
CA ILE A 64 12.02 0.97 8.69
C ILE A 64 11.64 1.44 7.27
N ALA A 65 11.93 0.58 6.29
CA ALA A 65 11.89 0.93 4.87
C ALA A 65 10.49 1.35 4.48
N MET A 66 9.53 0.50 4.82
CA MET A 66 8.17 0.77 4.46
C MET A 66 7.59 2.00 5.16
N VAL A 67 7.99 2.34 6.37
CA VAL A 67 7.28 3.49 6.91
C VAL A 67 7.65 4.78 6.17
N ASN A 68 8.86 4.94 5.68
CA ASN A 68 9.05 6.10 4.77
C ASN A 68 8.37 5.99 3.41
N GLY A 69 8.44 4.83 2.77
CA GLY A 69 7.63 4.55 1.54
C GLY A 69 6.15 4.91 1.67
N LEU A 70 5.47 4.34 2.66
CA LEU A 70 4.11 4.74 2.93
C LEU A 70 4.02 6.20 3.31
N MET A 71 5.02 6.75 4.05
CA MET A 71 4.98 8.19 4.43
C MET A 71 4.88 8.95 3.15
N GLY A 72 5.58 8.44 2.13
CA GLY A 72 5.87 9.15 0.91
C GLY A 72 4.64 9.10 0.05
N VAL A 73 3.81 8.13 0.34
CA VAL A 73 2.66 7.95 -0.50
C VAL A 73 1.63 8.92 0.03
N LEU A 74 1.45 8.92 1.35
CA LEU A 74 0.63 9.95 2.00
C LEU A 74 1.05 11.30 1.46
N ASP A 75 2.34 11.43 1.21
CA ASP A 75 2.81 12.69 0.86
C ASP A 75 2.44 12.96 -0.58
N LYS A 76 2.43 11.91 -1.41
CA LYS A 76 2.18 12.13 -2.82
C LYS A 76 0.76 12.62 -3.01
N LEU A 77 -0.14 12.19 -2.14
CA LEU A 77 -1.54 12.59 -2.25
C LEU A 77 -1.93 13.87 -1.46
N ALA A 78 -1.18 14.17 -0.41
CA ALA A 78 -1.21 15.49 0.15
C ALA A 78 -1.07 16.44 -1.00
N HIS A 79 -0.05 16.19 -1.82
CA HIS A 79 0.27 17.15 -2.81
C HIS A 79 -0.97 17.26 -3.73
N LEU A 80 -1.70 16.16 -3.90
CA LEU A 80 -2.83 16.21 -4.83
C LEU A 80 -3.78 17.29 -4.42
N ILE A 81 -4.00 17.42 -3.10
CA ILE A 81 -4.85 18.48 -2.63
C ILE A 81 -4.39 19.84 -3.15
N ASP A 82 -3.13 20.19 -2.90
CA ASP A 82 -2.58 21.50 -3.30
C ASP A 82 -3.03 21.87 -4.72
N GLU A 83 -3.29 20.87 -5.55
CA GLU A 83 -3.75 21.15 -6.91
C GLU A 83 -5.24 20.76 -7.16
N THR A 84 -6.11 20.96 -6.17
CA THR A 84 -7.53 20.74 -6.32
C THR A 84 -8.32 21.69 -5.40
N PRO A 85 -8.38 22.98 -5.72
CA PRO A 85 -9.11 23.94 -4.85
C PRO A 85 -10.69 23.73 -4.73
N PRO A 86 -11.34 23.95 -3.54
CA PRO A 86 -12.84 24.11 -3.35
C PRO A 86 -13.71 25.08 -4.28
N LEU A 87 -15.03 24.75 -4.46
CA LEU A 87 -16.05 25.44 -5.32
C LEU A 87 -15.53 26.47 -6.33
N GLY A 94 -20.60 19.29 2.39
CA GLY A 94 -19.52 18.90 1.44
C GLY A 94 -19.23 19.83 0.23
N ASN A 95 -18.04 19.61 -0.41
CA ASN A 95 -17.47 20.49 -1.50
C ASN A 95 -17.01 19.92 -2.91
N LEU A 96 -17.96 19.53 -3.74
CA LEU A 96 -17.79 19.26 -5.20
C LEU A 96 -16.37 19.25 -5.92
N ALA A 97 -15.37 19.94 -5.36
CA ALA A 97 -14.00 19.88 -5.89
C ALA A 97 -13.42 18.51 -5.50
N CYS A 98 -14.17 17.84 -4.66
CA CYS A 98 -13.64 16.81 -3.87
C CYS A 98 -13.75 15.45 -4.54
N ARG A 99 -14.80 15.23 -5.34
CA ARG A 99 -15.01 13.95 -6.06
C ARG A 99 -13.86 13.93 -7.01
N GLU A 100 -13.55 15.16 -7.41
CA GLU A 100 -12.49 15.46 -8.33
C GLU A 100 -11.17 15.00 -7.72
N TRP A 101 -10.86 15.41 -6.49
CA TRP A 101 -9.65 14.92 -5.80
C TRP A 101 -9.64 13.40 -5.72
N HIS A 102 -10.75 12.79 -5.29
CA HIS A 102 -10.86 11.34 -5.23
C HIS A 102 -10.67 10.67 -6.53
N HIS A 103 -11.12 11.32 -7.60
CA HIS A 103 -10.92 10.85 -8.95
C HIS A 103 -9.43 10.67 -9.28
N LYS A 104 -8.63 11.72 -9.04
CA LYS A 104 -7.19 11.64 -9.23
C LYS A 104 -6.55 10.65 -8.26
N LEU A 105 -7.13 10.46 -7.08
CA LEU A 105 -6.49 9.52 -6.17
C LEU A 105 -6.47 8.14 -6.82
N ASP A 106 -7.47 7.79 -7.62
CA ASP A 106 -7.52 6.41 -8.12
C ASP A 106 -6.93 6.30 -9.43
N GLU A 107 -6.66 7.44 -10.04
CA GLU A 107 -5.89 7.41 -11.26
C GLU A 107 -4.41 7.17 -10.97
N ARG A 108 -3.93 7.86 -9.95
CA ARG A 108 -2.56 7.80 -9.53
C ARG A 108 -2.22 6.80 -8.42
N LEU A 109 -3.18 6.38 -7.58
CA LEU A 109 -2.81 5.54 -6.37
C LEU A 109 -2.36 4.08 -6.58
N PRO A 110 -2.89 3.37 -7.61
CA PRO A 110 -2.49 1.98 -7.66
C PRO A 110 -1.04 2.03 -8.03
N GLN A 111 -0.76 2.86 -9.03
CA GLN A 111 0.55 3.26 -9.44
C GLN A 111 1.58 3.54 -8.30
N TRP A 112 1.19 4.36 -7.32
CA TRP A 112 2.12 4.76 -6.26
C TRP A 112 2.48 3.66 -5.24
N LEU A 113 1.54 2.73 -5.08
CA LEU A 113 1.79 1.51 -4.31
C LEU A 113 2.56 0.54 -5.16
N GLN A 114 2.52 0.74 -6.47
CA GLN A 114 3.39 -0.03 -7.31
C GLN A 114 4.81 0.24 -6.87
N GLU A 115 5.18 1.52 -6.72
CA GLU A 115 6.59 1.82 -6.36
C GLU A 115 6.89 1.42 -4.96
N MET A 116 5.90 1.54 -4.11
CA MET A 116 6.09 1.31 -2.72
C MET A 116 6.51 -0.09 -2.35
N LEU A 117 5.98 -1.10 -3.02
CA LEU A 117 6.42 -2.47 -2.76
C LEU A 117 7.43 -2.99 -3.75
N PRO A 118 8.27 -3.92 -3.28
CA PRO A 118 9.06 -4.81 -4.10
C PRO A 118 8.25 -5.33 -5.25
N SER A 119 8.88 -5.37 -6.41
CA SER A 119 8.21 -5.93 -7.58
C SER A 119 7.63 -7.34 -7.36
N GLU A 120 8.17 -8.11 -6.40
CA GLU A 120 7.64 -9.44 -6.11
C GLU A 120 6.35 -9.35 -5.31
N TYR A 121 5.67 -8.22 -5.39
CA TYR A 121 4.51 -8.01 -4.54
C TYR A 121 3.25 -7.42 -5.20
N HIS A 122 3.40 -6.92 -6.41
CA HIS A 122 2.36 -6.18 -7.10
C HIS A 122 0.97 -6.83 -7.04
N GLU A 123 0.93 -8.13 -6.74
CA GLU A 123 -0.33 -8.88 -6.72
C GLU A 123 -1.26 -8.36 -5.63
N VAL A 124 -0.73 -7.51 -4.75
CA VAL A 124 -1.36 -7.16 -3.50
C VAL A 124 -2.19 -5.87 -3.59
N VAL A 125 -1.92 -5.10 -4.63
CA VAL A 125 -2.50 -3.76 -4.78
C VAL A 125 -4.04 -3.72 -4.86
N PRO A 126 -4.66 -4.33 -5.90
CA PRO A 126 -6.08 -4.06 -5.91
C PRO A 126 -6.58 -4.01 -4.49
N GLU A 127 -6.17 -4.96 -3.65
CA GLU A 127 -6.68 -5.02 -2.28
C GLU A 127 -6.19 -3.82 -1.47
N LEU A 128 -4.88 -3.65 -1.33
CA LEU A 128 -4.35 -2.46 -0.62
C LEU A 128 -4.98 -1.17 -1.13
N GLN A 129 -4.79 -0.91 -2.43
CA GLN A 129 -5.42 0.14 -3.19
C GLN A 129 -6.79 0.52 -2.67
N TYR A 130 -7.58 -0.50 -2.30
CA TYR A 130 -8.92 -0.26 -1.88
C TYR A 130 -8.87 0.29 -0.52
N TYR A 131 -8.07 -0.28 0.35
CA TYR A 131 -8.20 0.03 1.78
C TYR A 131 -7.72 1.42 2.17
N LEU A 132 -6.66 1.84 1.51
CA LEU A 132 -6.03 3.11 1.79
C LEU A 132 -6.85 4.16 1.14
N GLY A 133 -7.34 3.83 -0.05
CA GLY A 133 -7.96 4.79 -0.95
C GLY A 133 -9.38 5.11 -0.52
N ASN A 134 -9.58 5.11 0.78
CA ASN A 134 -10.87 5.00 1.37
C ASN A 134 -10.69 5.38 2.87
N SER A 135 -9.43 5.37 3.29
CA SER A 135 -8.99 6.12 4.43
C SER A 135 -9.27 7.65 4.31
N PHE A 136 -9.80 8.16 3.20
CA PHE A 136 -9.99 9.61 3.16
C PHE A 136 -11.46 10.13 3.06
N GLY A 137 -12.44 9.26 3.35
CA GLY A 137 -13.84 9.67 3.27
C GLY A 137 -14.47 9.52 1.92
N SER A 138 -15.80 9.43 1.86
CA SER A 138 -16.47 8.85 0.71
C SER A 138 -16.43 9.64 -0.55
N SER A 139 -15.99 8.92 -1.59
CA SER A 139 -16.04 9.30 -3.01
C SER A 139 -17.17 10.28 -3.26
N THR A 140 -18.35 9.97 -2.76
CA THR A 140 -19.57 10.60 -3.25
C THR A 140 -20.50 11.13 -2.16
N ARG A 141 -20.48 10.52 -0.99
CA ARG A 141 -21.27 11.03 0.13
C ARG A 141 -20.70 12.35 0.69
N LEU A 142 -19.44 12.69 0.38
CA LEU A 142 -18.76 13.86 0.95
C LEU A 142 -18.78 13.90 2.53
N ASP A 143 -18.31 12.82 3.15
CA ASP A 143 -18.19 12.75 4.62
C ASP A 143 -16.86 12.07 5.11
N TYR A 144 -16.50 12.26 6.37
CA TYR A 144 -15.46 11.45 6.97
C TYR A 144 -15.94 10.95 8.31
N GLY A 145 -15.59 9.70 8.67
CA GLY A 145 -15.91 9.17 9.99
C GLY A 145 -15.03 7.97 10.37
N THR A 146 -15.42 7.26 11.41
CA THR A 146 -14.48 6.41 11.98
C THR A 146 -14.28 5.18 11.16
N GLY A 147 -15.18 4.90 10.23
CA GLY A 147 -14.95 3.79 9.30
C GLY A 147 -13.84 4.03 8.28
N HIS A 148 -13.72 5.29 7.87
CA HIS A 148 -12.55 5.76 7.15
C HIS A 148 -11.24 5.75 7.98
N GLU A 149 -11.35 5.92 9.31
CA GLU A 149 -10.18 5.98 10.15
C GLU A 149 -9.73 4.57 10.30
N LEU A 150 -10.70 3.66 10.19
CA LEU A 150 -10.53 2.24 10.56
C LEU A 150 -9.97 1.58 9.34
N SER A 151 -10.43 2.12 8.20
CA SER A 151 -9.76 1.88 6.96
C SER A 151 -8.28 2.23 6.98
N PHE A 152 -7.84 3.24 7.75
CA PHE A 152 -6.42 3.65 7.62
C PHE A 152 -5.57 2.55 8.23
N MET A 153 -5.92 2.27 9.48
CA MET A 153 -5.37 1.21 10.31
C MET A 153 -5.37 -0.06 9.52
N ALA A 154 -6.50 -0.34 8.88
CA ALA A 154 -6.63 -1.56 8.10
C ALA A 154 -5.46 -1.60 7.11
N THR A 155 -5.11 -0.44 6.56
CA THR A 155 -4.14 -0.41 5.49
C THR A 155 -2.81 -0.70 6.13
N VAL A 156 -2.50 0.05 7.18
CA VAL A 156 -1.21 -0.17 7.80
C VAL A 156 -1.11 -1.57 8.34
N ALA A 157 -2.26 -2.18 8.62
CA ALA A 157 -2.23 -3.59 8.99
C ALA A 157 -1.91 -4.54 7.78
N ALA A 158 -2.42 -4.22 6.59
CA ALA A 158 -2.10 -5.04 5.45
C ALA A 158 -0.57 -5.05 5.31
N LEU A 159 0.02 -3.88 5.52
CA LEU A 159 1.42 -3.80 5.29
C LEU A 159 2.13 -4.64 6.33
N ASP A 160 1.76 -4.41 7.59
CA ASP A 160 2.31 -5.22 8.67
C ASP A 160 2.23 -6.71 8.31
N MET A 161 1.05 -7.17 7.91
CA MET A 161 0.79 -8.59 7.57
C MET A 161 1.64 -9.20 6.43
N LEU A 162 2.20 -8.35 5.54
CA LEU A 162 3.23 -8.79 4.60
C LEU A 162 4.57 -8.56 5.29
N GLY A 163 4.58 -8.52 6.60
CA GLY A 163 5.82 -8.27 7.34
C GLY A 163 6.61 -7.12 6.76
N MET A 164 5.96 -6.05 6.38
CA MET A 164 6.69 -4.96 5.76
C MET A 164 7.34 -4.09 6.82
N PHE A 165 7.08 -4.42 8.09
CA PHE A 165 7.43 -3.58 9.21
C PHE A 165 8.18 -4.24 10.42
N PRO A 166 9.33 -4.92 10.19
CA PRO A 166 9.98 -5.67 11.29
C PRO A 166 10.24 -4.80 12.59
N HIS A 167 10.17 -5.40 13.79
CA HIS A 167 10.30 -4.64 15.08
C HIS A 167 9.87 -3.16 14.96
N MET A 168 8.64 -3.02 14.48
CA MET A 168 7.91 -1.75 14.53
C MET A 168 7.88 -1.30 15.95
N ARG A 169 8.18 -0.02 16.09
CA ARG A 169 8.20 0.74 17.32
C ARG A 169 7.05 1.73 17.39
N GLY A 170 6.46 1.83 18.60
CA GLY A 170 5.56 2.96 19.00
C GLY A 170 5.84 4.19 18.16
N ALA A 171 7.02 4.77 18.28
CA ALA A 171 7.42 5.94 17.47
C ALA A 171 7.06 5.94 15.99
N ASP A 172 7.07 4.78 15.32
CA ASP A 172 6.59 4.67 13.94
C ASP A 172 5.04 4.72 13.90
N VAL A 173 4.38 3.98 14.82
CA VAL A 173 2.91 3.96 14.87
C VAL A 173 2.40 5.31 15.20
N PHE A 174 3.28 6.16 15.73
CA PHE A 174 3.02 7.57 15.78
C PHE A 174 3.18 8.11 14.41
N LEU A 175 4.31 8.75 14.15
CA LEU A 175 4.80 9.18 12.81
C LEU A 175 3.94 8.89 11.53
N LEU A 176 3.70 7.62 11.22
CA LEU A 176 2.64 7.23 10.32
C LEU A 176 1.34 7.96 10.65
N PHE A 177 0.73 7.62 11.78
CA PHE A 177 -0.58 8.14 12.05
C PHE A 177 -0.49 9.63 12.15
N ASN A 178 0.57 10.12 12.71
CA ASN A 178 0.56 11.53 12.90
C ASN A 178 0.42 12.30 11.58
N LYS A 179 1.16 11.83 10.56
CA LYS A 179 0.98 12.27 9.19
C LYS A 179 -0.45 12.12 8.64
N TYR A 180 -1.05 10.96 8.87
CA TYR A 180 -2.34 10.68 8.34
C TYR A 180 -3.36 11.69 8.75
N TYR A 181 -3.39 11.99 10.06
CA TYR A 181 -4.33 12.95 10.57
C TYR A 181 -3.95 14.29 10.06
N THR A 182 -2.68 14.51 9.79
CA THR A 182 -2.37 15.87 9.35
C THR A 182 -3.13 16.15 8.08
N ILE A 183 -3.17 15.15 7.22
CA ILE A 183 -3.90 15.31 5.99
C ILE A 183 -5.38 15.44 6.39
N MET A 184 -5.86 14.59 7.29
CA MET A 184 -7.29 14.52 7.55
C MET A 184 -7.83 15.86 8.03
N ARG A 185 -7.28 16.43 9.11
CA ARG A 185 -7.64 17.80 9.52
C ARG A 185 -7.69 18.71 8.27
N ARG A 186 -6.76 18.52 7.34
CA ARG A 186 -6.81 19.37 6.17
C ARG A 186 -8.02 19.14 5.24
N LEU A 187 -8.36 17.87 5.06
CA LEU A 187 -9.34 17.50 4.06
C LEU A 187 -10.70 17.90 4.55
N ILE A 188 -10.91 17.65 5.83
CA ILE A 188 -12.11 18.09 6.46
C ILE A 188 -12.34 19.61 6.25
N LEU A 189 -11.36 20.43 6.65
CA LEU A 189 -11.59 21.88 6.48
C LEU A 189 -11.62 22.32 5.03
N THR A 190 -10.60 21.98 4.24
CA THR A 190 -10.53 22.47 2.84
C THR A 190 -11.79 21.97 2.06
N TYR A 191 -12.22 20.71 2.29
CA TYR A 191 -13.40 20.17 1.57
C TYR A 191 -14.78 20.29 2.27
N THR A 192 -14.77 20.43 3.60
CA THR A 192 -15.98 20.79 4.27
C THR A 192 -16.69 19.46 4.30
N LEU A 193 -15.97 18.45 4.76
CA LEU A 193 -16.48 17.08 4.78
C LEU A 193 -17.33 16.88 6.05
N GLU A 194 -18.49 16.25 5.88
CA GLU A 194 -19.45 16.09 6.96
C GLU A 194 -19.09 14.89 7.79
N PRO A 195 -19.77 14.71 8.94
CA PRO A 195 -19.47 13.59 9.77
C PRO A 195 -20.09 12.26 9.25
N ALA A 196 -19.23 11.30 8.92
CA ALA A 196 -19.71 10.00 8.35
C ALA A 196 -20.00 8.94 9.37
N GLY A 197 -21.27 8.64 9.57
CA GLY A 197 -21.74 7.54 10.37
C GLY A 197 -21.73 7.90 11.84
N SER A 198 -22.14 9.13 12.23
CA SER A 198 -21.81 9.58 13.61
C SER A 198 -22.96 9.47 14.53
N HIS A 199 -22.74 9.54 15.88
CA HIS A 199 -23.85 9.56 16.91
C HIS A 199 -24.19 10.97 17.35
N GLY A 200 -23.53 11.93 16.73
CA GLY A 200 -23.53 13.27 17.21
C GLY A 200 -23.03 13.36 18.64
N VAL A 201 -23.62 14.29 19.35
CA VAL A 201 -23.41 14.48 20.73
C VAL A 201 -23.34 13.21 21.61
N TRP A 202 -23.84 12.10 21.10
CA TRP A 202 -23.97 10.85 21.82
C TRP A 202 -22.83 9.96 21.36
N GLY A 203 -21.87 10.55 20.67
CA GLY A 203 -20.75 9.83 20.19
C GLY A 203 -19.51 10.50 20.73
N LEU A 204 -18.35 9.91 20.42
CA LEU A 204 -17.15 10.29 21.07
C LEU A 204 -16.59 11.47 20.37
N ASP A 205 -16.37 11.40 19.06
CA ASP A 205 -15.87 12.56 18.32
C ASP A 205 -16.63 12.51 17.02
N ASP A 206 -16.86 13.66 16.38
CA ASP A 206 -17.67 13.77 15.16
C ASP A 206 -17.15 12.80 14.15
N HIS A 207 -15.83 12.55 14.18
CA HIS A 207 -15.01 12.04 13.04
C HIS A 207 -13.97 10.93 13.27
N PHE A 208 -13.43 10.84 14.50
CA PHE A 208 -12.25 10.01 14.86
C PHE A 208 -12.49 9.22 16.13
N HIS A 209 -11.84 8.06 16.34
CA HIS A 209 -11.93 7.37 17.65
C HIS A 209 -10.53 6.89 17.94
N LEU A 210 -9.68 6.76 16.92
CA LEU A 210 -8.42 6.09 17.13
C LEU A 210 -7.38 7.00 17.71
N VAL A 211 -7.61 8.28 17.43
CA VAL A 211 -6.65 9.35 17.75
C VAL A 211 -6.67 9.22 19.19
N TYR A 212 -7.87 9.07 19.78
CA TYR A 212 -7.98 9.10 21.20
C TYR A 212 -7.62 7.80 21.81
N ILE A 213 -7.59 6.68 21.09
CA ILE A 213 -7.08 5.47 21.80
C ILE A 213 -5.53 5.66 21.96
N LEU A 214 -4.84 5.86 20.83
CA LEU A 214 -3.41 6.11 20.74
C LEU A 214 -2.98 7.17 21.77
N GLY A 215 -3.30 8.41 21.46
CA GLY A 215 -3.53 9.47 22.50
C GLY A 215 -3.55 9.06 23.97
N SER A 216 -4.47 8.18 24.38
CA SER A 216 -4.41 7.74 25.76
C SER A 216 -3.29 6.73 25.97
N SER A 217 -3.15 5.72 25.12
CA SER A 217 -1.99 4.79 25.23
C SER A 217 -0.70 5.49 25.67
N GLN A 218 -0.25 6.42 24.83
CA GLN A 218 1.00 7.14 25.05
C GLN A 218 1.18 7.54 26.51
N TRP A 219 0.20 8.15 27.14
CA TRP A 219 0.43 8.64 28.47
C TRP A 219 0.10 7.59 29.53
N GLN A 220 -0.36 6.45 29.03
CA GLN A 220 -0.96 5.42 29.87
C GLN A 220 -0.05 4.75 30.88
N LEU A 221 1.14 4.38 30.41
CA LEU A 221 2.16 3.77 31.23
C LEU A 221 2.62 4.63 32.34
N LEU A 222 2.77 5.94 32.06
CA LEU A 222 3.17 6.86 33.11
C LEU A 222 2.05 7.48 33.88
N ASP A 223 0.80 7.14 33.57
CA ASP A 223 -0.33 7.97 33.97
C ASP A 223 -0.07 9.08 35.00
N ALA A 224 0.00 8.80 36.28
CA ALA A 224 0.17 9.93 37.21
C ALA A 224 1.43 10.82 36.92
N GLN A 225 2.54 10.31 36.40
CA GLN A 225 3.63 11.17 35.97
C GLN A 225 3.53 11.73 34.53
N ALA A 226 2.36 11.64 33.88
CA ALA A 226 2.09 12.15 32.53
C ALA A 226 2.21 13.65 32.47
N PRO A 227 2.67 14.24 31.35
CA PRO A 227 2.66 15.71 31.38
C PRO A 227 1.28 16.29 31.79
N LEU A 228 0.17 15.82 31.20
CA LEU A 228 -1.22 16.18 31.66
C LEU A 228 -1.97 15.01 32.24
N GLN A 229 -3.00 15.32 33.01
CA GLN A 229 -3.87 14.30 33.55
C GLN A 229 -5.18 14.27 32.73
N PRO A 230 -6.06 13.26 32.94
CA PRO A 230 -7.10 13.31 31.97
C PRO A 230 -8.02 14.50 32.15
N ARG A 231 -8.19 15.04 33.38
CA ARG A 231 -9.06 16.25 33.52
C ARG A 231 -8.46 17.50 32.88
N GLU A 232 -7.18 17.47 32.58
CA GLU A 232 -6.61 18.68 32.10
C GLU A 232 -6.80 18.96 30.62
N ILE A 233 -7.24 17.96 29.82
CA ILE A 233 -7.66 18.23 28.40
C ILE A 233 -8.64 19.42 28.29
N LEU A 234 -9.46 19.62 29.33
CA LEU A 234 -10.35 20.78 29.43
C LEU A 234 -9.70 22.17 29.60
N ASP A 235 -8.39 22.27 29.63
CA ASP A 235 -7.77 23.58 29.64
C ASP A 235 -7.22 23.88 28.22
N LYS A 236 -7.77 24.90 27.57
CA LYS A 236 -7.35 25.20 26.17
C LYS A 236 -5.83 25.35 25.97
N SER A 237 -5.13 26.14 26.77
CA SER A 237 -3.70 26.21 26.51
C SER A 237 -2.80 24.99 26.85
N LEU A 238 -3.14 24.22 27.89
CA LEU A 238 -2.34 23.01 28.18
C LEU A 238 -2.45 22.02 27.04
N VAL A 239 -3.70 21.74 26.64
CA VAL A 239 -3.98 21.02 25.41
C VAL A 239 -3.09 21.51 24.23
N ARG A 240 -3.02 22.83 24.05
CA ARG A 240 -2.31 23.40 22.93
C ARG A 240 -0.81 22.98 23.04
N GLU A 241 -0.21 23.16 24.22
CA GLU A 241 1.17 22.73 24.41
C GLU A 241 1.44 21.36 23.84
N TYR A 242 0.56 20.38 24.12
CA TYR A 242 0.92 18.99 23.82
C TYR A 242 0.55 18.41 22.42
N LYS A 243 -0.32 19.13 21.73
CA LYS A 243 -0.92 18.64 20.51
C LYS A 243 0.00 18.08 19.37
N ASP A 244 1.31 18.35 19.37
CA ASP A 244 2.26 17.70 18.42
C ASP A 244 2.84 16.41 18.97
N THR A 245 2.50 16.04 20.18
CA THR A 245 3.33 15.09 20.81
C THR A 245 2.43 14.06 21.43
N ASN A 246 1.16 14.38 21.35
CA ASN A 246 0.23 13.52 22.00
C ASN A 246 -1.05 13.61 21.27
N PHE A 247 -1.56 12.44 20.95
CA PHE A 247 -2.65 12.40 20.05
C PHE A 247 -3.94 12.95 20.71
N TYR A 248 -4.21 12.53 21.93
CA TYR A 248 -5.36 13.06 22.60
C TYR A 248 -5.46 14.62 22.51
N CYS A 249 -4.42 15.31 22.94
CA CYS A 249 -4.43 16.76 22.87
C CYS A 249 -4.70 17.24 21.42
N GLN A 250 -4.09 16.57 20.44
CA GLN A 250 -4.31 16.85 19.06
C GLN A 250 -5.82 16.69 18.74
N GLY A 251 -6.42 15.55 19.09
CA GLY A 251 -7.85 15.33 19.01
C GLY A 251 -8.64 16.51 19.54
N ILE A 252 -8.38 16.87 20.80
CA ILE A 252 -9.14 17.84 21.59
C ILE A 252 -8.81 19.24 21.09
N ASN A 253 -7.59 19.39 20.61
CA ASN A 253 -7.23 20.67 19.95
C ASN A 253 -8.12 20.95 18.72
N PHE A 254 -8.31 19.86 17.96
CA PHE A 254 -9.07 19.96 16.75
C PHE A 254 -10.49 20.42 17.09
N ILE A 255 -11.17 19.64 17.96
CA ILE A 255 -12.45 20.07 18.47
C ILE A 255 -12.34 21.48 18.94
N ASN A 256 -11.35 21.77 19.74
CA ASN A 256 -11.30 23.12 20.22
C ASN A 256 -11.23 24.21 19.16
N GLU A 257 -10.80 23.93 17.93
CA GLU A 257 -10.63 25.09 17.05
C GLU A 257 -11.70 25.19 15.98
N VAL A 258 -12.57 24.20 16.01
CA VAL A 258 -13.65 23.98 15.07
C VAL A 258 -15.08 24.18 15.68
N LYS A 259 -15.37 23.53 16.82
CA LYS A 259 -16.64 23.70 17.56
C LYS A 259 -16.66 24.89 18.49
N MET A 260 -17.69 25.72 18.42
CA MET A 260 -17.72 27.00 19.07
C MET A 260 -18.20 27.15 20.54
N GLY A 261 -19.07 26.32 21.11
CA GLY A 261 -19.52 26.75 22.46
C GLY A 261 -18.66 26.31 23.65
N PRO A 262 -19.23 26.16 24.88
CA PRO A 262 -18.52 25.43 25.91
C PRO A 262 -18.28 24.00 25.53
N PHE A 263 -17.18 23.45 26.01
CA PHE A 263 -16.74 22.10 25.65
C PHE A 263 -17.64 21.03 26.28
N GLU A 264 -18.14 21.36 27.47
CA GLU A 264 -18.99 20.47 28.27
C GLU A 264 -20.29 20.25 27.49
N GLU A 265 -20.58 21.23 26.64
CA GLU A 265 -21.82 21.27 25.90
C GLU A 265 -21.79 20.57 24.55
N HIS A 266 -20.68 20.57 23.84
CA HIS A 266 -20.68 20.09 22.44
C HIS A 266 -19.99 18.73 22.29
N SER A 267 -19.25 18.36 23.34
CA SER A 267 -18.56 17.08 23.40
C SER A 267 -18.74 16.66 24.81
N PRO A 268 -20.00 16.44 25.19
CA PRO A 268 -20.32 15.88 26.47
C PRO A 268 -19.62 14.55 26.77
N ILE A 269 -19.21 13.79 25.78
CA ILE A 269 -18.67 12.51 26.13
C ILE A 269 -17.21 12.65 26.58
N LEU A 270 -16.35 13.12 25.70
CA LEU A 270 -15.04 13.56 26.12
C LEU A 270 -15.01 14.41 27.41
N TYR A 271 -15.92 15.35 27.58
CA TYR A 271 -16.05 16.02 28.88
C TYR A 271 -16.13 15.06 30.10
N ASP A 272 -17.26 14.34 30.12
CA ASP A 272 -17.46 13.25 31.00
C ASP A 272 -16.22 12.45 31.28
N ILE A 273 -15.49 12.05 30.23
CA ILE A 273 -14.29 11.23 30.49
C ILE A 273 -13.31 11.99 31.34
N ALA A 274 -13.18 13.24 30.98
CA ALA A 274 -12.13 14.01 31.48
C ALA A 274 -12.50 14.31 32.93
N VAL A 275 -13.77 14.56 33.22
CA VAL A 275 -14.12 14.88 34.60
C VAL A 275 -14.27 13.65 35.56
N THR A 276 -14.14 12.45 34.99
CA THR A 276 -14.61 11.20 35.60
C THR A 276 -13.51 10.18 35.72
N VAL A 277 -12.83 9.84 34.63
CA VAL A 277 -11.86 8.72 34.64
C VAL A 277 -10.54 9.21 35.23
N PRO A 278 -10.11 8.64 36.37
CA PRO A 278 -9.04 9.34 37.10
C PRO A 278 -7.66 9.27 36.40
N ARG A 279 -7.35 8.18 35.65
CA ARG A 279 -6.00 7.89 35.08
C ARG A 279 -5.98 7.41 33.65
N TRP A 280 -4.96 7.79 32.87
CA TRP A 280 -4.99 7.52 31.40
C TRP A 280 -5.21 6.04 31.04
N SER A 281 -4.42 5.14 31.62
CA SER A 281 -4.54 3.69 31.34
C SER A 281 -5.98 3.23 31.37
N LYS A 282 -6.76 3.77 32.28
CA LYS A 282 -8.18 3.46 32.37
C LYS A 282 -9.01 4.13 31.24
N VAL A 283 -8.75 5.42 30.96
CA VAL A 283 -9.29 6.12 29.78
C VAL A 283 -9.04 5.27 28.55
N CYS A 284 -7.78 4.86 28.28
CA CYS A 284 -7.45 3.94 27.15
C CYS A 284 -8.29 2.64 27.20
N LYS A 285 -8.38 2.06 28.40
CA LYS A 285 -9.06 0.77 28.58
C LYS A 285 -10.53 0.92 28.13
N GLY A 286 -11.11 2.09 28.42
CA GLY A 286 -12.49 2.35 28.16
C GLY A 286 -12.69 2.53 26.67
N LEU A 287 -11.83 3.34 26.07
CA LEU A 287 -11.98 3.70 24.68
C LEU A 287 -11.83 2.54 23.76
N LEU A 288 -11.16 1.48 24.21
CA LEU A 288 -11.02 0.29 23.40
C LEU A 288 -12.36 -0.49 23.47
N LYS A 289 -12.77 -0.82 24.70
CA LYS A 289 -14.05 -1.47 24.97
C LYS A 289 -15.18 -0.80 24.15
N MET A 290 -15.11 0.54 24.10
CA MET A 290 -16.08 1.37 23.45
C MET A 290 -15.86 1.37 21.97
N TYR A 291 -14.65 1.16 21.49
CA TYR A 291 -14.37 1.05 20.04
C TYR A 291 -14.97 -0.24 19.45
N SER A 292 -15.43 -1.16 20.28
CA SER A 292 -15.84 -2.42 19.71
C SER A 292 -17.29 -2.49 19.68
N VAL A 293 -17.93 -1.83 20.65
CA VAL A 293 -19.33 -1.52 20.53
C VAL A 293 -19.39 -0.45 19.41
N GLU A 294 -18.97 0.75 19.77
CA GLU A 294 -19.45 1.92 19.05
C GLU A 294 -18.96 2.00 17.64
N VAL A 295 -17.76 1.48 17.36
CA VAL A 295 -17.41 1.41 15.95
C VAL A 295 -17.59 0.03 15.36
N LEU A 296 -17.04 -1.03 15.94
CA LEU A 296 -17.00 -2.27 15.18
C LEU A 296 -18.28 -3.05 15.12
N LYS A 297 -19.25 -2.75 15.99
CA LYS A 297 -20.55 -3.46 16.02
C LYS A 297 -21.70 -2.59 15.50
N LYS A 298 -21.37 -1.37 15.10
CA LYS A 298 -22.33 -0.44 14.53
C LYS A 298 -22.25 -0.46 12.98
N PHE A 299 -23.36 -0.89 12.42
CA PHE A 299 -23.47 -1.06 10.98
C PHE A 299 -23.40 0.24 10.22
N PRO A 300 -24.02 1.32 10.74
CA PRO A 300 -23.94 2.53 9.97
C PRO A 300 -22.52 2.85 9.67
N VAL A 301 -21.60 2.30 10.51
CA VAL A 301 -20.17 2.59 10.52
C VAL A 301 -19.32 1.57 9.77
N VAL A 302 -19.74 0.32 9.63
CA VAL A 302 -18.85 -0.66 9.01
C VAL A 302 -19.32 -1.24 7.74
N GLN A 303 -20.61 -1.16 7.49
CA GLN A 303 -21.21 -1.36 6.17
C GLN A 303 -20.22 -1.20 5.01
N HIS A 304 -19.45 -0.13 5.05
CA HIS A 304 -18.56 0.21 3.97
C HIS A 304 -17.21 -0.24 4.33
N PHE A 305 -17.07 -1.40 4.91
CA PHE A 305 -15.76 -1.93 5.00
C PHE A 305 -15.81 -3.18 4.17
N TRP A 306 -15.24 -3.11 2.97
CA TRP A 306 -15.34 -4.24 2.07
C TRP A 306 -14.24 -5.28 2.26
N PHE A 307 -14.50 -6.52 1.82
CA PHE A 307 -13.60 -7.61 2.12
C PHE A 307 -13.06 -8.28 0.90
N GLY A 308 -11.73 -8.39 0.90
CA GLY A 308 -10.98 -9.20 -0.06
C GLY A 308 -10.83 -10.67 0.36
N THR A 309 -9.98 -11.37 -0.38
CA THR A 309 -9.70 -12.76 -0.11
C THR A 309 -8.38 -12.87 0.65
N GLY A 310 -7.43 -11.97 0.33
CA GLY A 310 -6.10 -11.91 0.99
C GLY A 310 -5.85 -11.23 2.36
N PHE A 311 -6.14 -9.94 2.56
CA PHE A 311 -5.85 -9.33 3.89
C PHE A 311 -6.93 -9.54 4.92
N PHE A 312 -8.15 -9.11 4.59
CA PHE A 312 -9.23 -9.09 5.55
C PHE A 312 -10.35 -9.95 4.99
N PRO A 313 -10.26 -11.27 5.19
CA PRO A 313 -11.12 -12.14 4.39
C PRO A 313 -12.40 -12.44 5.12
N TRP A 314 -13.47 -12.67 4.36
CA TRP A 314 -14.81 -12.80 4.91
C TRP A 314 -15.09 -14.24 5.26
N VAL A 315 -14.39 -14.77 6.24
CA VAL A 315 -14.57 -16.18 6.54
C VAL A 315 -14.65 -16.34 8.06
N ASN A 316 -14.99 -17.54 8.56
CA ASN A 316 -15.29 -17.73 10.00
C ASN A 316 -14.13 -17.98 11.06
N ILE A 317 -14.50 -18.65 12.17
CA ILE A 317 -13.61 -19.45 13.06
C ILE A 317 -14.49 -20.36 13.97
N SER B 2 49.28 13.19 -23.55
CA SER B 2 48.01 12.43 -23.74
C SER B 2 47.86 11.22 -22.79
N LEU B 3 48.09 9.98 -23.25
CA LEU B 3 47.68 8.80 -22.47
C LEU B 3 47.78 9.10 -20.99
N ASP B 4 48.99 9.28 -20.50
CA ASP B 4 49.14 9.47 -19.05
C ASP B 4 48.42 10.70 -18.39
N ARG B 5 48.52 11.90 -18.98
CA ARG B 5 47.94 13.10 -18.34
C ARG B 5 47.04 13.99 -19.22
N VAL B 6 46.00 14.54 -18.61
CA VAL B 6 45.06 15.44 -19.25
C VAL B 6 45.67 16.83 -19.33
N ASP B 7 45.60 17.46 -20.50
CA ASP B 7 46.24 18.76 -20.68
C ASP B 7 45.50 19.97 -20.03
N TRP B 8 45.53 20.04 -18.70
CA TRP B 8 44.89 21.12 -17.96
C TRP B 8 45.77 22.36 -18.14
N PRO B 9 45.20 23.60 -18.21
CA PRO B 9 43.81 24.01 -18.26
C PRO B 9 43.27 24.12 -19.68
N HIS B 10 44.12 24.13 -20.71
CA HIS B 10 43.59 24.24 -22.09
C HIS B 10 43.11 22.89 -22.73
N ALA B 11 42.07 22.32 -22.12
CA ALA B 11 41.32 21.17 -22.58
C ALA B 11 39.97 21.36 -21.90
N THR B 12 38.85 21.20 -22.58
CA THR B 12 37.59 21.50 -21.91
C THR B 12 36.81 20.28 -21.40
N PHE B 13 35.84 20.54 -20.53
CA PHE B 13 35.08 19.47 -19.88
C PHE B 13 33.62 19.65 -20.14
N SER B 14 32.85 18.58 -20.20
CA SER B 14 31.40 18.75 -20.23
C SER B 14 30.81 17.44 -19.79
N THR B 15 29.49 17.46 -19.55
CA THR B 15 28.79 16.25 -19.13
C THR B 15 28.99 15.11 -20.17
N PRO B 16 29.42 13.94 -19.70
CA PRO B 16 29.60 12.81 -20.59
C PRO B 16 28.28 12.35 -21.07
N VAL B 17 28.34 11.39 -21.99
CA VAL B 17 27.27 11.16 -22.95
C VAL B 17 27.38 9.72 -23.60
N LYS B 18 26.29 9.13 -24.08
CA LYS B 18 26.40 7.75 -24.58
C LYS B 18 27.10 7.74 -25.93
N ARG B 19 27.92 6.73 -26.14
CA ARG B 19 28.60 6.63 -27.36
C ARG B 19 28.57 5.21 -27.84
N ILE B 20 28.79 4.25 -26.93
CA ILE B 20 28.57 2.81 -27.21
C ILE B 20 27.09 2.37 -27.26
N PHE B 21 26.69 1.83 -28.40
CA PHE B 21 25.26 1.65 -28.65
C PHE B 21 24.90 0.29 -29.17
N ASP B 22 25.82 -0.34 -29.87
CA ASP B 22 25.52 -1.48 -30.72
C ASP B 22 26.81 -2.22 -30.86
N THR B 23 26.91 -3.10 -31.85
CA THR B 23 28.19 -3.80 -32.03
C THR B 23 29.32 -2.90 -32.53
N GLN B 24 29.11 -2.19 -33.64
CA GLN B 24 30.19 -1.39 -34.20
C GLN B 24 30.71 -0.32 -33.25
N THR B 25 29.80 0.41 -32.65
CA THR B 25 30.23 1.32 -31.60
C THR B 25 31.19 0.65 -30.54
N THR B 26 30.86 -0.57 -30.09
CA THR B 26 31.76 -1.32 -29.18
C THR B 26 33.17 -1.54 -29.79
N LEU B 27 33.27 -1.93 -31.06
CA LEU B 27 34.61 -2.03 -31.64
C LEU B 27 35.24 -0.59 -31.83
N ASP B 28 34.41 0.40 -32.15
CA ASP B 28 34.87 1.78 -32.35
C ASP B 28 35.59 2.31 -31.13
N PHE B 29 35.09 1.94 -29.99
CA PHE B 29 35.62 2.36 -28.71
C PHE B 29 37.01 1.73 -28.50
N GLN B 30 37.31 0.66 -29.25
CA GLN B 30 38.52 -0.10 -29.01
C GLN B 30 39.76 0.75 -29.29
N SER B 31 39.74 1.41 -30.46
CA SER B 31 40.75 2.40 -30.91
C SER B 31 40.54 3.87 -30.47
N SER B 32 39.92 4.10 -29.33
CA SER B 32 39.67 5.45 -28.89
C SER B 32 40.64 5.97 -27.77
N LEU B 33 40.90 7.29 -27.77
CA LEU B 33 41.72 7.93 -26.73
C LEU B 33 41.19 7.64 -25.32
N ALA B 34 39.90 7.54 -25.14
CA ALA B 34 39.44 7.15 -23.81
C ALA B 34 40.02 5.78 -23.41
N ILE B 35 40.01 4.84 -24.33
CA ILE B 35 40.37 3.50 -23.92
C ILE B 35 41.88 3.29 -23.76
N HIS B 36 42.72 4.06 -24.48
CA HIS B 36 44.17 3.93 -24.26
C HIS B 36 44.48 4.55 -22.90
N ARG B 37 43.77 5.63 -22.59
CA ARG B 37 43.78 6.15 -21.24
C ARG B 37 43.39 5.15 -20.21
N ILE B 38 42.29 4.43 -20.44
CA ILE B 38 41.95 3.36 -19.47
C ILE B 38 43.03 2.27 -19.36
N LYS B 39 43.46 1.67 -20.46
CA LYS B 39 44.36 0.52 -20.43
C LYS B 39 45.67 0.99 -19.75
N TYR B 40 46.03 2.22 -20.03
CA TYR B 40 47.23 2.78 -19.42
C TYR B 40 47.16 2.83 -17.87
N HIS B 41 46.14 3.46 -17.27
CA HIS B 41 46.08 3.50 -15.80
C HIS B 41 45.84 2.16 -15.19
N LEU B 42 45.21 1.29 -15.98
CA LEU B 42 45.11 -0.10 -15.66
C LEU B 42 46.45 -0.74 -15.47
N HIS B 43 47.36 -0.48 -16.40
CA HIS B 43 48.63 -1.16 -16.27
C HIS B 43 49.30 -0.56 -15.08
N LYS B 44 49.37 0.78 -15.06
CA LYS B 44 50.04 1.50 -14.01
C LYS B 44 49.66 0.92 -12.63
N TYR B 45 48.38 0.91 -12.29
CA TYR B 45 48.03 0.37 -10.99
C TYR B 45 48.39 -1.11 -10.80
N THR B 46 48.26 -1.92 -11.85
CA THR B 46 48.64 -3.32 -11.71
C THR B 46 50.12 -3.45 -11.33
N THR B 47 51.02 -2.67 -11.96
CA THR B 47 52.44 -2.79 -11.62
C THR B 47 52.69 -2.08 -10.30
N LEU B 48 51.90 -1.04 -10.00
CA LEU B 48 52.12 -0.31 -8.76
C LEU B 48 51.75 -1.22 -7.66
N ILE B 49 50.79 -2.10 -7.90
CA ILE B 49 50.34 -2.84 -6.77
C ILE B 49 51.26 -3.99 -6.43
N SER B 50 51.97 -4.51 -7.41
CA SER B 50 52.84 -5.64 -7.20
C SER B 50 54.02 -5.23 -6.31
N HIS B 51 53.94 -4.02 -5.76
CA HIS B 51 55.03 -3.50 -4.94
C HIS B 51 54.57 -3.75 -3.55
N CYS B 52 53.28 -3.93 -3.44
CA CYS B 52 52.61 -3.94 -2.18
C CYS B 52 52.05 -5.35 -1.95
N SER B 53 52.92 -6.37 -1.83
CA SER B 53 52.53 -7.71 -1.41
C SER B 53 52.02 -7.69 0.04
N ASP B 54 52.62 -6.87 0.90
CA ASP B 54 52.21 -6.93 2.25
C ASP B 54 51.71 -5.63 2.75
N PRO B 55 50.50 -5.22 2.32
CA PRO B 55 49.80 -3.97 2.81
C PRO B 55 49.50 -3.88 4.30
N ASP B 56 49.45 -2.66 4.84
CA ASP B 56 49.11 -2.49 6.28
C ASP B 56 47.62 -2.57 6.39
N PRO B 57 47.11 -3.66 7.00
CA PRO B 57 45.70 -3.83 6.78
C PRO B 57 44.88 -2.82 7.60
N HIS B 58 45.51 -1.93 8.36
CA HIS B 58 44.82 -0.79 8.96
C HIS B 58 45.52 0.51 8.69
N ALA B 59 46.02 0.62 7.48
CA ALA B 59 46.45 1.90 6.92
C ALA B 59 45.25 2.87 6.83
N THR B 60 45.35 4.00 7.51
CA THR B 60 44.15 4.83 7.53
C THR B 60 44.23 5.92 6.42
N ALA B 61 45.41 6.55 6.29
CA ALA B 61 45.67 7.67 5.38
C ALA B 61 46.85 7.38 4.43
N SER B 62 46.82 7.94 3.23
CA SER B 62 48.03 8.00 2.39
C SER B 62 48.87 9.10 2.96
N SER B 63 49.90 9.53 2.24
CA SER B 63 50.45 10.83 2.47
C SER B 63 50.41 11.68 1.17
N ILE B 64 49.63 11.23 0.18
CA ILE B 64 49.11 12.09 -0.90
C ILE B 64 47.69 12.53 -0.53
N ALA B 65 47.50 13.84 -0.45
CA ALA B 65 46.19 14.39 -0.08
C ALA B 65 45.05 13.92 -0.97
N MET B 66 45.18 14.06 -2.28
CA MET B 66 44.04 13.61 -3.04
C MET B 66 43.73 12.12 -2.87
N VAL B 67 44.61 11.27 -2.32
CA VAL B 67 43.99 9.98 -1.96
C VAL B 67 43.15 10.14 -0.71
N ASN B 68 43.56 11.01 0.18
CA ASN B 68 42.81 11.13 1.42
C ASN B 68 41.43 11.69 1.19
N GLY B 69 41.37 12.75 0.37
CA GLY B 69 40.13 13.28 -0.17
C GLY B 69 39.22 12.18 -0.70
N LEU B 70 39.71 11.40 -1.66
CA LEU B 70 38.84 10.44 -2.36
C LEU B 70 38.29 9.32 -1.47
N MET B 71 39.08 8.99 -0.43
CA MET B 71 38.77 8.03 0.60
C MET B 71 37.69 8.73 1.39
N GLY B 72 37.94 10.02 1.68
CA GLY B 72 36.98 10.86 2.41
C GLY B 72 35.59 10.82 1.77
N VAL B 73 35.57 10.98 0.46
CA VAL B 73 34.32 11.13 -0.21
C VAL B 73 33.68 9.75 -0.19
N LEU B 74 34.46 8.70 -0.50
CA LEU B 74 33.96 7.32 -0.41
C LEU B 74 33.33 7.06 0.94
N ASP B 75 33.67 7.86 1.95
CA ASP B 75 33.18 7.54 3.27
C ASP B 75 31.81 8.03 3.52
N LYS B 76 31.55 9.26 3.13
CA LYS B 76 30.20 9.79 3.14
C LYS B 76 29.28 8.85 2.32
N LEU B 77 29.73 8.48 1.11
CA LEU B 77 29.10 7.39 0.34
C LEU B 77 28.75 6.18 1.18
N ALA B 78 29.66 5.73 2.04
CA ALA B 78 29.35 4.57 2.84
C ALA B 78 28.27 4.98 3.82
N HIS B 79 28.51 6.00 4.65
CA HIS B 79 27.51 6.56 5.61
C HIS B 79 26.07 6.51 5.11
N LEU B 80 25.92 6.60 3.79
CA LEU B 80 24.57 6.66 3.22
C LEU B 80 23.68 5.42 3.43
N ILE B 81 24.14 4.23 3.00
CA ILE B 81 23.59 2.92 3.45
C ILE B 81 22.95 2.89 4.85
N ASP B 82 23.61 3.53 5.82
CA ASP B 82 23.12 3.54 7.19
C ASP B 82 21.77 4.26 7.41
N GLU B 83 21.50 5.38 6.74
CA GLU B 83 20.11 5.89 6.75
C GLU B 83 19.26 5.48 5.53
N THR B 84 19.59 4.37 4.88
CA THR B 84 18.80 3.91 3.74
C THR B 84 18.42 2.42 3.92
N PRO B 85 17.70 2.12 5.01
CA PRO B 85 17.53 0.72 5.38
C PRO B 85 16.85 -0.02 4.26
N PRO B 86 17.26 -1.26 3.99
CA PRO B 86 16.72 -2.11 2.90
C PRO B 86 15.28 -2.64 3.17
N LEU B 87 14.52 -2.78 2.08
CA LEU B 87 13.14 -3.24 2.10
C LEU B 87 12.99 -4.66 2.57
N PRO B 88 12.06 -4.90 3.51
CA PRO B 88 11.78 -6.27 3.90
C PRO B 88 11.52 -7.21 2.67
N GLY B 89 11.54 -8.54 2.90
CA GLY B 89 11.14 -9.57 1.86
C GLY B 89 12.14 -10.51 1.17
N PRO B 90 11.76 -11.07 -0.01
CA PRO B 90 12.48 -11.88 -1.05
C PRO B 90 13.91 -11.51 -1.53
N ARG B 91 14.91 -11.85 -0.72
CA ARG B 91 16.36 -11.89 -1.06
C ARG B 91 16.73 -12.05 -2.59
N ARG B 92 15.89 -12.64 -3.47
CA ARG B 92 16.50 -12.97 -4.79
C ARG B 92 16.81 -11.88 -5.78
N TYR B 93 16.09 -10.77 -5.75
CA TYR B 93 16.37 -9.74 -6.76
C TYR B 93 17.01 -8.46 -6.24
N GLY B 94 17.24 -7.45 -7.10
CA GLY B 94 17.61 -6.11 -6.61
C GLY B 94 16.60 -5.60 -5.57
N ASN B 95 17.07 -5.29 -4.35
CA ASN B 95 16.20 -4.70 -3.34
C ASN B 95 15.92 -3.26 -3.69
N LEU B 96 14.63 -2.95 -3.72
CA LEU B 96 14.10 -1.65 -4.10
C LEU B 96 14.72 -0.49 -3.36
N ALA B 97 14.99 -0.69 -2.08
CA ALA B 97 15.64 0.32 -1.22
C ALA B 97 16.72 1.19 -1.90
N CYS B 98 17.04 0.84 -3.12
CA CYS B 98 18.31 1.24 -3.61
C CYS B 98 18.20 2.50 -4.40
N ARG B 99 17.13 2.59 -5.16
CA ARG B 99 16.94 3.69 -6.04
C ARG B 99 17.00 4.89 -5.13
N GLU B 100 16.58 4.67 -3.88
CA GLU B 100 16.71 5.66 -2.84
C GLU B 100 18.17 6.03 -2.66
N TRP B 101 19.00 5.07 -2.21
CA TRP B 101 20.46 5.28 -2.08
C TRP B 101 21.06 6.20 -3.12
N HIS B 102 20.87 5.85 -4.40
CA HIS B 102 21.41 6.64 -5.50
C HIS B 102 20.79 8.00 -5.67
N HIS B 103 19.50 8.16 -5.33
CA HIS B 103 18.88 9.51 -5.34
C HIS B 103 19.51 10.42 -4.31
N LYS B 104 19.84 9.86 -3.13
CA LYS B 104 20.60 10.57 -2.13
C LYS B 104 21.91 10.95 -2.74
N LEU B 105 22.66 9.96 -3.19
CA LEU B 105 23.98 10.19 -3.75
C LEU B 105 23.94 11.36 -4.73
N ASP B 106 22.95 11.37 -5.62
CA ASP B 106 22.95 12.26 -6.77
C ASP B 106 22.81 13.75 -6.48
N GLU B 107 22.13 14.09 -5.38
CA GLU B 107 22.06 15.45 -4.82
C GLU B 107 23.41 15.91 -4.24
N ARG B 108 23.85 15.18 -3.21
CA ARG B 108 25.17 15.31 -2.54
C ARG B 108 26.49 15.21 -3.37
N LEU B 109 26.62 14.26 -4.29
CA LEU B 109 27.94 14.04 -4.89
C LEU B 109 28.60 15.29 -5.49
N PRO B 110 27.86 16.03 -6.36
CA PRO B 110 28.33 17.35 -6.73
C PRO B 110 29.01 18.02 -5.55
N GLN B 111 28.22 18.34 -4.52
CA GLN B 111 28.71 19.01 -3.30
C GLN B 111 30.00 18.46 -2.63
N TRP B 112 30.29 17.18 -2.82
CA TRP B 112 31.42 16.62 -2.10
C TRP B 112 32.67 16.64 -2.92
N LEU B 113 32.49 16.54 -4.24
CA LEU B 113 33.61 16.70 -5.12
C LEU B 113 33.90 18.21 -5.14
N GLN B 114 32.87 19.04 -4.88
CA GLN B 114 33.15 20.45 -4.61
C GLN B 114 34.25 20.52 -3.58
N GLU B 115 33.93 20.01 -2.39
CA GLU B 115 34.79 20.27 -1.25
C GLU B 115 36.13 19.63 -1.50
N MET B 116 36.09 18.38 -1.96
CA MET B 116 37.28 17.58 -2.11
C MET B 116 38.33 18.20 -3.04
N LEU B 117 37.89 18.87 -4.12
CA LEU B 117 38.83 19.48 -5.08
C LEU B 117 39.16 20.94 -4.76
N PRO B 118 40.38 21.40 -5.11
CA PRO B 118 40.76 22.80 -4.97
C PRO B 118 39.91 23.68 -5.86
N SER B 119 39.95 24.97 -5.56
CA SER B 119 39.00 25.89 -6.16
C SER B 119 38.99 25.72 -7.66
N GLU B 120 40.14 25.75 -8.32
CA GLU B 120 40.19 25.81 -9.79
C GLU B 120 39.59 24.62 -10.51
N TYR B 121 39.56 23.48 -9.83
CA TYR B 121 39.17 22.26 -10.53
C TYR B 121 37.70 22.00 -10.69
N HIS B 122 36.86 22.83 -10.06
CA HIS B 122 35.43 22.54 -10.02
C HIS B 122 34.90 22.27 -11.44
N GLU B 123 35.58 22.84 -12.44
CA GLU B 123 35.14 22.70 -13.80
C GLU B 123 35.32 21.29 -14.36
N VAL B 124 35.41 20.30 -13.47
CA VAL B 124 35.75 18.94 -13.83
C VAL B 124 34.69 18.01 -13.25
N VAL B 125 34.04 18.51 -12.23
CA VAL B 125 32.99 17.83 -11.51
C VAL B 125 31.91 17.17 -12.36
N PRO B 126 31.26 17.92 -13.28
CA PRO B 126 30.26 17.16 -14.04
C PRO B 126 30.86 16.00 -14.83
N GLU B 127 32.17 15.97 -15.06
CA GLU B 127 32.71 14.70 -15.46
C GLU B 127 32.95 13.76 -14.26
N LEU B 128 33.94 14.06 -13.42
CA LEU B 128 34.24 13.25 -12.23
C LEU B 128 32.99 12.66 -11.55
N GLN B 129 32.03 13.51 -11.23
CA GLN B 129 30.81 13.07 -10.62
C GLN B 129 30.15 12.00 -11.42
N TYR B 130 30.15 12.14 -12.74
CA TYR B 130 29.62 11.06 -13.60
C TYR B 130 30.23 9.72 -13.23
N TYR B 131 31.55 9.62 -13.35
CA TYR B 131 32.19 8.34 -13.26
C TYR B 131 32.13 7.80 -11.88
N LEU B 132 32.40 8.65 -10.89
CA LEU B 132 32.41 8.17 -9.51
C LEU B 132 31.02 7.70 -9.34
N GLY B 133 30.08 8.57 -9.68
CA GLY B 133 28.65 8.36 -9.41
C GLY B 133 28.09 7.12 -10.06
N ASN B 134 28.85 6.58 -10.98
CA ASN B 134 28.41 5.47 -11.76
C ASN B 134 29.14 4.23 -11.20
N SER B 135 30.02 4.42 -10.22
CA SER B 135 30.92 3.35 -9.78
C SER B 135 30.26 2.23 -8.96
N PHE B 136 29.03 2.45 -8.45
CA PHE B 136 28.40 1.55 -7.44
C PHE B 136 27.13 0.84 -7.91
N GLY B 137 26.93 0.78 -9.21
CA GLY B 137 25.81 0.02 -9.68
C GLY B 137 24.72 0.81 -10.34
N SER B 138 23.91 0.11 -11.13
CA SER B 138 22.88 0.74 -11.98
C SER B 138 21.92 1.71 -11.32
N SER B 139 21.96 2.94 -11.82
CA SER B 139 20.76 3.79 -11.85
C SER B 139 19.48 3.09 -11.21
N THR B 140 18.96 2.09 -11.91
CA THR B 140 17.61 1.63 -11.76
C THR B 140 17.39 0.23 -12.28
N ARG B 141 18.40 -0.38 -12.87
CA ARG B 141 18.31 -1.80 -13.21
C ARG B 141 18.53 -2.64 -11.92
N LEU B 142 19.12 -2.00 -10.90
CA LEU B 142 19.23 -2.57 -9.57
C LEU B 142 20.27 -3.67 -9.48
N ASP B 143 21.35 -3.50 -10.25
CA ASP B 143 22.45 -4.47 -10.35
C ASP B 143 23.86 -3.83 -10.15
N TYR B 144 24.89 -4.65 -10.08
CA TYR B 144 26.26 -4.16 -10.09
C TYR B 144 27.14 -5.17 -10.86
N GLY B 145 28.22 -4.73 -11.50
CA GLY B 145 29.09 -5.59 -12.32
C GLY B 145 30.35 -4.84 -12.84
N THR B 146 31.09 -5.49 -13.74
CA THR B 146 32.41 -5.04 -14.05
C THR B 146 32.50 -3.61 -14.63
N GLY B 147 31.39 -3.21 -15.25
CA GLY B 147 31.26 -1.90 -15.84
C GLY B 147 31.29 -0.81 -14.77
N HIS B 148 30.86 -1.16 -13.54
CA HIS B 148 30.93 -0.18 -12.45
C HIS B 148 32.27 -0.25 -11.74
N GLU B 149 32.90 -1.44 -11.73
CA GLU B 149 34.14 -1.60 -11.03
C GLU B 149 35.08 -0.81 -11.88
N LEU B 150 34.83 -0.85 -13.20
CA LEU B 150 35.74 -0.14 -14.13
C LEU B 150 35.51 1.36 -13.93
N SER B 151 34.24 1.77 -13.87
CA SER B 151 33.88 3.15 -13.46
C SER B 151 34.65 3.74 -12.29
N PHE B 152 35.01 2.90 -11.35
CA PHE B 152 35.71 3.40 -10.20
C PHE B 152 37.16 3.70 -10.58
N MET B 153 37.82 2.69 -11.17
CA MET B 153 39.18 2.82 -11.72
C MET B 153 39.26 4.13 -12.43
N ALA B 154 38.33 4.30 -13.35
CA ALA B 154 38.29 5.45 -14.19
C ALA B 154 38.17 6.71 -13.33
N THR B 155 37.38 6.64 -12.22
CA THR B 155 37.23 7.81 -11.36
C THR B 155 38.63 8.15 -10.90
N VAL B 156 39.47 7.15 -10.67
CA VAL B 156 40.74 7.47 -10.01
C VAL B 156 41.76 7.85 -11.07
N ALA B 157 41.73 7.09 -12.14
CA ALA B 157 42.47 7.45 -13.30
C ALA B 157 42.15 8.93 -13.65
N ALA B 158 40.95 9.41 -13.35
CA ALA B 158 40.60 10.77 -13.71
C ALA B 158 41.55 11.67 -12.96
N LEU B 159 41.49 11.65 -11.63
CA LEU B 159 42.16 12.72 -10.85
C LEU B 159 43.61 12.45 -10.64
N ASP B 160 44.02 11.28 -11.12
CA ASP B 160 45.39 10.99 -11.35
C ASP B 160 45.79 11.84 -12.55
N MET B 161 45.02 11.76 -13.62
CA MET B 161 45.35 12.50 -14.85
C MET B 161 45.56 13.97 -14.66
N LEU B 162 45.08 14.53 -13.55
CA LEU B 162 45.30 15.96 -13.33
C LEU B 162 46.56 16.09 -12.53
N GLY B 163 47.29 14.98 -12.44
CA GLY B 163 48.45 14.89 -11.60
C GLY B 163 48.21 15.13 -10.12
N MET B 164 47.18 14.53 -9.53
CA MET B 164 47.02 14.64 -8.08
C MET B 164 47.31 13.33 -7.36
N PHE B 165 48.05 12.44 -8.01
CA PHE B 165 48.72 11.39 -7.26
C PHE B 165 50.22 11.36 -7.61
N PRO B 166 50.94 12.47 -7.34
CA PRO B 166 52.37 12.43 -7.49
C PRO B 166 52.94 11.29 -6.67
N HIS B 167 53.88 10.54 -7.23
CA HIS B 167 54.54 9.40 -6.53
C HIS B 167 53.61 8.46 -5.80
N MET B 168 52.55 8.14 -6.50
CA MET B 168 51.63 7.13 -6.06
C MET B 168 52.34 5.77 -5.89
N ARG B 169 52.24 5.21 -4.69
CA ARG B 169 52.77 3.88 -4.44
C ARG B 169 51.66 2.82 -4.62
N GLY B 170 52.00 1.55 -4.48
CA GLY B 170 51.01 0.53 -4.61
C GLY B 170 50.17 0.58 -3.36
N ALA B 171 50.65 1.25 -2.34
CA ALA B 171 49.99 1.17 -1.06
C ALA B 171 48.74 2.01 -1.17
N ASP B 172 48.83 2.95 -2.09
CA ASP B 172 47.82 3.95 -2.28
C ASP B 172 46.71 3.34 -3.08
N VAL B 173 47.07 2.46 -4.05
CA VAL B 173 46.06 1.84 -4.82
C VAL B 173 45.48 0.90 -3.83
N PHE B 174 46.32 0.21 -3.07
CA PHE B 174 45.70 -0.76 -2.24
C PHE B 174 44.65 -0.18 -1.31
N LEU B 175 44.88 1.05 -0.89
CA LEU B 175 44.08 1.62 0.17
C LEU B 175 42.78 2.00 -0.48
N LEU B 176 42.83 2.60 -1.68
CA LEU B 176 41.62 3.09 -2.33
C LEU B 176 40.76 1.93 -2.65
N PHE B 177 41.31 1.00 -3.40
CA PHE B 177 40.47 -0.07 -3.87
C PHE B 177 40.07 -0.92 -2.68
N ASN B 178 40.88 -0.94 -1.64
CA ASN B 178 40.39 -1.67 -0.49
C ASN B 178 39.17 -1.03 0.10
N LYS B 179 39.11 0.31 0.05
CA LYS B 179 37.93 1.00 0.58
C LYS B 179 36.71 0.70 -0.33
N TYR B 180 36.92 0.87 -1.63
CA TYR B 180 35.85 0.73 -2.52
C TYR B 180 35.35 -0.70 -2.50
N TYR B 181 36.18 -1.71 -2.31
CA TYR B 181 35.61 -3.06 -2.39
C TYR B 181 34.80 -3.40 -1.18
N THR B 182 35.13 -2.75 -0.07
CA THR B 182 34.43 -2.91 1.17
C THR B 182 33.09 -2.29 1.01
N ILE B 183 33.09 -1.13 0.36
CA ILE B 183 31.88 -0.38 0.25
C ILE B 183 30.96 -1.26 -0.60
N MET B 184 31.55 -1.89 -1.64
CA MET B 184 30.76 -2.54 -2.67
C MET B 184 30.16 -3.82 -2.15
N ARG B 185 30.93 -4.49 -1.31
CA ARG B 185 30.44 -5.68 -0.69
C ARG B 185 29.31 -5.36 0.20
N ARG B 186 29.41 -4.40 1.12
CA ARG B 186 28.20 -4.10 1.90
C ARG B 186 27.04 -3.82 0.93
N LEU B 187 27.24 -2.99 -0.11
CA LEU B 187 26.14 -2.68 -1.00
C LEU B 187 25.48 -3.95 -1.59
N ILE B 188 26.33 -4.74 -2.30
CA ILE B 188 25.91 -5.99 -2.92
C ILE B 188 25.18 -6.92 -1.97
N LEU B 189 25.58 -6.96 -0.71
CA LEU B 189 24.76 -7.74 0.22
C LEU B 189 23.56 -7.03 0.73
N THR B 190 23.67 -5.74 1.09
CA THR B 190 22.54 -5.07 1.75
C THR B 190 21.39 -4.98 0.76
N TYR B 191 21.75 -4.76 -0.52
CA TYR B 191 20.76 -4.56 -1.60
C TYR B 191 20.45 -5.81 -2.47
N THR B 192 21.17 -6.91 -2.19
CA THR B 192 21.10 -8.10 -3.01
C THR B 192 21.21 -7.68 -4.45
N LEU B 193 22.17 -6.81 -4.71
CA LEU B 193 22.33 -6.33 -6.02
C LEU B 193 22.57 -7.57 -6.84
N GLU B 194 22.51 -7.35 -8.13
CA GLU B 194 22.54 -8.40 -9.04
C GLU B 194 23.59 -8.23 -10.14
N PRO B 195 23.98 -9.36 -10.71
CA PRO B 195 25.08 -9.32 -11.63
C PRO B 195 24.77 -8.52 -12.92
N ALA B 196 25.58 -7.48 -13.19
CA ALA B 196 25.44 -6.66 -14.41
C ALA B 196 26.37 -7.11 -15.53
N GLY B 197 25.77 -7.47 -16.63
CA GLY B 197 26.52 -7.78 -17.83
C GLY B 197 27.43 -8.96 -17.60
N SER B 198 26.88 -9.99 -16.96
CA SER B 198 27.59 -11.11 -16.44
C SER B 198 27.53 -12.30 -17.42
N HIS B 199 28.52 -13.19 -17.37
CA HIS B 199 28.45 -14.44 -18.17
C HIS B 199 27.93 -15.61 -17.41
N GLY B 200 27.39 -15.34 -16.24
CA GLY B 200 27.24 -16.41 -15.28
C GLY B 200 28.52 -17.23 -15.13
N VAL B 201 28.30 -18.48 -14.79
CA VAL B 201 29.25 -19.55 -14.89
C VAL B 201 30.30 -19.45 -16.00
N TRP B 202 30.01 -18.76 -17.04
CA TRP B 202 30.92 -18.73 -18.14
C TRP B 202 31.85 -17.59 -18.00
N GLY B 203 31.71 -16.80 -16.94
CA GLY B 203 32.62 -15.72 -16.70
C GLY B 203 33.44 -15.87 -15.44
N LEU B 204 34.27 -14.87 -15.12
CA LEU B 204 35.19 -14.95 -14.01
C LEU B 204 34.48 -14.88 -12.68
N ASP B 205 33.81 -13.77 -12.43
CA ASP B 205 33.09 -13.49 -11.16
C ASP B 205 31.80 -12.75 -11.56
N ASP B 206 30.79 -12.80 -10.74
CA ASP B 206 29.50 -12.22 -11.13
C ASP B 206 29.55 -10.74 -11.21
N HIS B 207 30.39 -10.11 -10.38
CA HIS B 207 30.49 -8.66 -10.28
C HIS B 207 31.87 -8.07 -10.59
N PHE B 208 32.96 -8.73 -10.18
CA PHE B 208 34.32 -8.12 -10.20
C PHE B 208 35.36 -8.77 -11.18
N HIS B 209 36.36 -8.00 -11.61
CA HIS B 209 37.49 -8.55 -12.41
C HIS B 209 38.84 -7.94 -11.95
N LEU B 210 38.91 -6.60 -11.97
CA LEU B 210 39.98 -5.84 -11.40
C LEU B 210 40.57 -6.43 -10.12
N VAL B 211 39.71 -6.70 -9.08
CA VAL B 211 40.21 -7.25 -7.82
C VAL B 211 41.17 -8.34 -8.22
N TYR B 212 40.76 -9.24 -9.07
CA TYR B 212 41.64 -10.36 -9.33
C TYR B 212 42.95 -10.00 -9.99
N ILE B 213 42.96 -8.93 -10.78
CA ILE B 213 44.12 -8.48 -11.52
C ILE B 213 45.00 -7.80 -10.51
N LEU B 214 44.39 -7.05 -9.58
CA LEU B 214 45.21 -6.39 -8.56
C LEU B 214 45.68 -7.42 -7.58
N GLY B 215 44.79 -8.35 -7.27
CA GLY B 215 45.02 -9.38 -6.23
C GLY B 215 46.16 -10.27 -6.61
N SER B 216 46.08 -10.92 -7.76
CA SER B 216 47.23 -11.58 -8.33
C SER B 216 48.46 -10.68 -8.43
N SER B 217 48.35 -9.52 -9.06
CA SER B 217 49.55 -8.68 -9.18
C SER B 217 50.29 -8.46 -7.85
N GLN B 218 49.56 -8.06 -6.83
CA GLN B 218 50.11 -8.02 -5.48
C GLN B 218 51.09 -9.15 -5.16
N TRP B 219 51.05 -10.30 -5.85
CA TRP B 219 51.91 -11.47 -5.46
C TRP B 219 52.81 -11.93 -6.58
N GLN B 220 52.71 -11.20 -7.67
CA GLN B 220 53.39 -11.56 -8.90
C GLN B 220 54.90 -11.41 -8.88
N LEU B 221 55.43 -10.70 -7.90
CA LEU B 221 56.87 -10.63 -7.87
C LEU B 221 57.44 -11.64 -6.96
N LEU B 222 56.64 -12.22 -6.07
CA LEU B 222 57.16 -13.35 -5.28
C LEU B 222 56.91 -14.80 -5.75
N ASP B 223 56.21 -15.00 -6.89
CA ASP B 223 55.43 -16.26 -7.11
C ASP B 223 55.89 -17.47 -6.34
N ALA B 224 56.90 -18.19 -6.79
CA ALA B 224 57.20 -19.37 -6.05
C ALA B 224 57.26 -19.07 -4.51
N GLN B 225 57.82 -17.93 -4.03
CA GLN B 225 57.85 -17.66 -2.57
C GLN B 225 56.73 -16.83 -1.96
N ALA B 226 55.53 -16.92 -2.48
CA ALA B 226 54.44 -16.09 -2.02
C ALA B 226 53.63 -16.82 -0.92
N PRO B 227 52.85 -16.10 -0.09
CA PRO B 227 52.48 -16.85 1.11
C PRO B 227 51.49 -17.88 0.75
N LEU B 228 50.79 -17.66 -0.37
CA LEU B 228 49.84 -18.63 -1.00
C LEU B 228 50.17 -18.94 -2.47
N GLN B 229 49.93 -20.18 -2.88
CA GLN B 229 50.10 -20.60 -4.25
C GLN B 229 48.74 -20.58 -5.04
N PRO B 230 48.76 -20.18 -6.32
CA PRO B 230 47.48 -19.92 -6.99
C PRO B 230 46.40 -20.97 -6.77
N ARG B 231 46.79 -22.22 -6.55
CA ARG B 231 45.81 -23.27 -6.25
C ARG B 231 45.40 -23.23 -4.82
N GLU B 232 46.12 -22.50 -4.01
CA GLU B 232 45.79 -22.55 -2.61
C GLU B 232 44.53 -21.81 -2.31
N ILE B 233 44.17 -20.89 -3.19
CA ILE B 233 42.98 -20.04 -2.96
C ILE B 233 41.71 -20.89 -2.84
N LEU B 234 41.86 -22.19 -3.11
CA LEU B 234 40.79 -23.19 -3.02
C LEU B 234 40.44 -23.58 -1.65
N ASP B 235 41.24 -23.13 -0.69
CA ASP B 235 41.14 -23.60 0.69
C ASP B 235 40.70 -22.43 1.59
N LYS B 236 39.43 -22.49 2.00
CA LYS B 236 38.75 -21.46 2.79
C LYS B 236 39.59 -20.77 3.91
N SER B 237 39.97 -21.49 4.97
CA SER B 237 40.67 -20.86 6.10
C SER B 237 41.99 -20.25 5.76
N LEU B 238 42.57 -20.59 4.62
CA LEU B 238 43.74 -19.88 4.16
C LEU B 238 43.41 -18.54 3.53
N VAL B 239 42.50 -18.55 2.55
CA VAL B 239 41.85 -17.34 2.00
C VAL B 239 41.40 -16.40 3.12
N ARG B 240 40.69 -16.97 4.07
CA ARG B 240 40.27 -16.20 5.23
C ARG B 240 41.49 -15.64 5.94
N GLU B 241 42.54 -16.46 6.05
CA GLU B 241 43.76 -16.01 6.70
C GLU B 241 44.43 -14.83 6.00
N TYR B 242 44.20 -14.67 4.69
CA TYR B 242 44.84 -13.60 3.94
C TYR B 242 43.90 -12.53 3.39
N LYS B 243 42.60 -12.78 3.44
CA LYS B 243 41.64 -11.81 2.89
C LYS B 243 41.93 -10.32 3.15
N ASP B 244 42.60 -9.98 4.23
CA ASP B 244 42.82 -8.59 4.56
C ASP B 244 43.88 -7.92 3.74
N THR B 245 44.76 -8.74 3.16
CA THR B 245 46.12 -8.36 2.77
C THR B 245 46.31 -8.69 1.29
N ASN B 246 45.21 -9.18 0.73
CA ASN B 246 45.23 -9.64 -0.61
C ASN B 246 43.87 -9.63 -1.27
N PHE B 247 43.87 -9.07 -2.48
CA PHE B 247 42.67 -8.91 -3.20
C PHE B 247 42.16 -10.18 -3.79
N TYR B 248 43.06 -11.11 -4.11
CA TYR B 248 42.64 -12.34 -4.78
C TYR B 248 41.85 -13.15 -3.78
N CYS B 249 42.17 -12.92 -2.51
CA CYS B 249 41.54 -13.63 -1.41
C CYS B 249 40.24 -13.00 -1.07
N GLN B 250 40.30 -11.75 -0.65
CA GLN B 250 39.14 -10.93 -0.59
C GLN B 250 38.01 -11.38 -1.58
N GLY B 251 38.35 -11.57 -2.86
CA GLY B 251 37.40 -11.91 -3.88
C GLY B 251 36.85 -13.28 -3.64
N ILE B 252 37.75 -14.20 -3.32
CA ILE B 252 37.43 -15.62 -3.37
C ILE B 252 36.67 -15.93 -2.15
N ASN B 253 37.19 -15.39 -1.04
CA ASN B 253 36.42 -15.32 0.18
C ASN B 253 34.95 -14.85 -0.01
N PHE B 254 34.76 -13.77 -0.78
CA PHE B 254 33.42 -13.20 -0.98
C PHE B 254 32.52 -14.20 -1.70
N ILE B 255 32.81 -14.51 -2.95
CA ILE B 255 32.24 -15.71 -3.58
C ILE B 255 31.93 -16.79 -2.49
N ASN B 256 32.91 -17.23 -1.70
CA ASN B 256 32.64 -18.31 -0.69
C ASN B 256 31.58 -18.04 0.36
N GLU B 257 30.99 -16.84 0.45
CA GLU B 257 29.76 -16.78 1.26
C GLU B 257 28.50 -16.16 0.66
N VAL B 258 28.56 -15.79 -0.61
CA VAL B 258 27.33 -15.72 -1.38
C VAL B 258 26.90 -17.08 -1.97
N LYS B 259 27.84 -17.89 -2.43
CA LYS B 259 27.40 -19.06 -3.20
C LYS B 259 27.55 -20.29 -2.39
N MET B 260 26.99 -21.39 -2.87
CA MET B 260 26.72 -22.44 -1.97
C MET B 260 27.28 -23.80 -2.27
N GLY B 261 27.51 -24.15 -3.53
CA GLY B 261 27.95 -25.54 -3.75
C GLY B 261 29.42 -25.80 -3.37
N PRO B 262 30.04 -26.80 -3.99
CA PRO B 262 31.48 -26.78 -4.00
C PRO B 262 31.92 -25.63 -4.85
N PHE B 263 33.11 -25.12 -4.57
CA PHE B 263 33.62 -23.99 -5.31
C PHE B 263 33.71 -24.34 -6.80
N GLU B 264 33.86 -25.64 -7.12
CA GLU B 264 34.03 -26.09 -8.51
C GLU B 264 32.81 -25.86 -9.41
N GLU B 265 31.67 -26.51 -9.14
CA GLU B 265 30.43 -26.33 -9.96
C GLU B 265 30.03 -24.85 -10.12
N HIS B 266 30.40 -23.98 -9.18
CA HIS B 266 29.88 -22.66 -9.24
C HIS B 266 30.87 -21.53 -9.65
N SER B 267 32.14 -21.82 -9.85
CA SER B 267 33.05 -20.77 -10.34
C SER B 267 34.11 -21.48 -11.17
N PRO B 268 33.64 -22.15 -12.22
CA PRO B 268 34.52 -23.12 -12.87
C PRO B 268 35.76 -22.46 -13.48
N ILE B 269 35.68 -21.17 -13.78
CA ILE B 269 36.86 -20.48 -14.23
C ILE B 269 37.78 -20.21 -13.06
N LEU B 270 37.42 -19.44 -12.06
CA LEU B 270 38.44 -19.20 -11.07
C LEU B 270 39.09 -20.49 -10.67
N TYR B 271 38.29 -21.54 -10.60
CA TYR B 271 38.80 -22.82 -10.20
C TYR B 271 39.89 -23.36 -11.17
N ASP B 272 39.51 -23.54 -12.43
CA ASP B 272 40.45 -23.80 -13.52
C ASP B 272 41.80 -23.03 -13.44
N ILE B 273 41.74 -21.71 -13.35
CA ILE B 273 42.92 -20.96 -13.00
C ILE B 273 43.71 -21.64 -11.85
N ALA B 274 43.06 -21.68 -10.68
CA ALA B 274 43.70 -22.08 -9.44
C ALA B 274 44.39 -23.43 -9.65
N VAL B 275 43.76 -24.24 -10.46
CA VAL B 275 44.23 -25.58 -10.64
C VAL B 275 45.21 -25.75 -11.88
N THR B 276 45.38 -24.74 -12.75
CA THR B 276 46.11 -24.96 -14.03
C THR B 276 47.25 -23.95 -14.26
N VAL B 277 47.16 -22.77 -13.62
CA VAL B 277 48.22 -21.75 -13.75
C VAL B 277 49.11 -21.73 -12.49
N PRO B 278 50.40 -22.16 -12.60
CA PRO B 278 51.14 -22.35 -11.35
C PRO B 278 51.64 -21.04 -10.77
N ARG B 279 51.91 -20.02 -11.57
CA ARG B 279 52.47 -18.76 -11.00
C ARG B 279 51.54 -17.49 -11.02
N TRP B 280 51.49 -16.73 -9.92
CA TRP B 280 50.63 -15.55 -9.84
C TRP B 280 50.79 -14.59 -10.99
N SER B 281 52.04 -14.34 -11.38
CA SER B 281 52.34 -13.55 -12.56
C SER B 281 51.73 -14.07 -13.84
N LYS B 282 51.79 -15.40 -14.10
CA LYS B 282 51.00 -16.00 -15.22
C LYS B 282 49.48 -15.83 -15.04
N VAL B 283 48.95 -15.95 -13.82
CA VAL B 283 47.56 -15.54 -13.55
C VAL B 283 47.35 -14.10 -13.98
N CYS B 284 48.27 -13.25 -13.56
CA CYS B 284 48.04 -11.83 -13.80
C CYS B 284 48.03 -11.48 -15.31
N LYS B 285 49.05 -11.96 -16.04
CA LYS B 285 49.15 -11.80 -17.49
C LYS B 285 47.83 -12.21 -18.11
N GLY B 286 47.52 -13.50 -18.03
CA GLY B 286 46.25 -14.09 -18.33
C GLY B 286 44.97 -13.41 -17.88
N LEU B 287 44.94 -12.73 -16.72
CA LEU B 287 43.70 -11.98 -16.41
C LEU B 287 43.66 -10.59 -16.99
N LEU B 288 44.80 -9.97 -17.27
CA LEU B 288 44.75 -8.71 -18.04
C LEU B 288 44.29 -9.00 -19.45
N LYS B 289 44.74 -10.11 -20.03
CA LYS B 289 44.33 -10.46 -21.39
C LYS B 289 42.81 -10.66 -21.34
N MET B 290 42.34 -11.32 -20.31
CA MET B 290 40.91 -11.46 -20.15
C MET B 290 40.14 -10.12 -19.99
N TYR B 291 40.61 -9.20 -19.15
CA TYR B 291 40.01 -7.88 -19.06
C TYR B 291 39.74 -7.19 -20.43
N SER B 292 40.64 -7.38 -21.39
CA SER B 292 40.50 -6.66 -22.66
C SER B 292 39.46 -7.20 -23.56
N VAL B 293 39.29 -8.50 -23.51
CA VAL B 293 38.28 -9.15 -24.28
C VAL B 293 37.05 -9.14 -23.42
N GLU B 294 37.11 -9.85 -22.31
CA GLU B 294 35.90 -10.10 -21.52
C GLU B 294 35.22 -8.84 -20.87
N VAL B 295 35.99 -7.78 -20.57
CA VAL B 295 35.26 -6.52 -20.21
C VAL B 295 35.30 -5.38 -21.24
N LEU B 296 36.41 -5.17 -21.92
CA LEU B 296 36.40 -3.95 -22.71
C LEU B 296 35.98 -4.16 -24.16
N LYS B 297 35.82 -5.41 -24.60
CA LYS B 297 35.32 -5.65 -25.98
C LYS B 297 33.85 -6.18 -25.92
N LYS B 298 33.26 -6.26 -24.73
CA LYS B 298 31.97 -6.89 -24.58
C LYS B 298 30.92 -5.82 -24.21
N PHE B 299 29.97 -5.65 -25.14
CA PHE B 299 28.87 -4.66 -25.09
C PHE B 299 28.00 -4.55 -23.81
N PRO B 300 27.47 -5.67 -23.28
CA PRO B 300 26.60 -5.50 -22.12
C PRO B 300 27.37 -4.75 -21.01
N VAL B 301 28.69 -4.93 -20.93
CA VAL B 301 29.46 -4.35 -19.90
C VAL B 301 29.91 -2.94 -20.19
N VAL B 302 30.23 -2.57 -21.43
CA VAL B 302 30.82 -1.23 -21.57
C VAL B 302 29.88 -0.16 -22.06
N GLN B 303 28.66 -0.55 -22.45
CA GLN B 303 27.70 0.39 -22.99
C GLN B 303 27.26 1.58 -22.05
N HIS B 304 27.55 1.50 -20.75
CA HIS B 304 27.10 2.61 -19.90
C HIS B 304 28.27 3.37 -19.47
N PHE B 305 29.45 2.96 -19.86
CA PHE B 305 30.55 3.95 -19.95
C PHE B 305 30.26 5.18 -20.88
N TRP B 306 30.07 6.35 -20.29
CA TRP B 306 29.82 7.52 -21.14
C TRP B 306 31.10 8.39 -21.37
N PHE B 307 31.14 9.17 -22.45
CA PHE B 307 32.33 9.95 -22.72
C PHE B 307 32.08 11.43 -22.63
N GLY B 308 32.85 12.03 -21.74
CA GLY B 308 32.98 13.48 -21.66
C GLY B 308 33.95 13.94 -22.74
N THR B 309 34.57 15.09 -22.50
CA THR B 309 35.30 15.75 -23.57
C THR B 309 36.63 16.19 -23.00
N GLY B 310 36.99 15.58 -21.88
CA GLY B 310 38.08 16.05 -21.06
C GLY B 310 38.83 14.91 -20.44
N PHE B 311 38.16 14.02 -19.71
CA PHE B 311 38.91 12.88 -19.18
C PHE B 311 39.12 11.78 -20.20
N PHE B 312 38.01 11.33 -20.76
CA PHE B 312 37.92 10.08 -21.47
C PHE B 312 37.17 10.35 -22.76
N PRO B 313 37.85 11.07 -23.71
CA PRO B 313 37.23 11.60 -24.88
C PRO B 313 37.03 10.51 -25.89
N TRP B 314 35.90 10.60 -26.61
CA TRP B 314 35.54 9.67 -27.69
C TRP B 314 36.19 10.18 -28.98
N VAL B 315 37.47 9.87 -29.15
CA VAL B 315 38.29 10.45 -30.25
C VAL B 315 39.21 9.36 -30.74
N ASN B 316 39.90 9.57 -31.86
CA ASN B 316 40.77 8.52 -32.39
C ASN B 316 42.19 8.25 -31.78
N ILE B 317 43.14 7.87 -32.65
CA ILE B 317 44.56 7.64 -32.30
C ILE B 317 45.49 7.70 -33.54
N SER C 2 -53.65 23.80 35.37
CA SER C 2 -54.54 23.31 34.32
C SER C 2 -53.70 23.36 33.08
N LEU C 3 -54.03 22.57 32.10
CA LEU C 3 -53.05 22.43 31.06
C LEU C 3 -53.19 23.52 30.00
N ASP C 4 -54.07 24.49 30.15
CA ASP C 4 -54.40 25.23 28.90
C ASP C 4 -54.45 26.75 28.90
N ARG C 5 -54.69 27.35 30.07
CA ARG C 5 -54.85 28.80 30.14
C ARG C 5 -54.10 29.34 31.34
N VAL C 6 -53.08 30.14 31.09
CA VAL C 6 -52.41 30.76 32.21
C VAL C 6 -53.47 31.59 32.92
N ASP C 7 -53.54 31.48 34.24
CA ASP C 7 -54.64 32.09 34.98
C ASP C 7 -54.69 33.65 34.95
N TRP C 8 -54.39 34.23 33.79
CA TRP C 8 -54.38 35.67 33.65
C TRP C 8 -55.72 36.20 34.12
N PRO C 9 -55.77 37.10 35.15
CA PRO C 9 -54.69 37.98 35.66
C PRO C 9 -53.86 37.41 36.80
N HIS C 10 -54.48 36.71 37.77
CA HIS C 10 -53.77 36.37 39.02
C HIS C 10 -52.71 35.24 39.00
N ALA C 11 -51.58 35.52 38.36
CA ALA C 11 -50.47 34.56 38.18
C ALA C 11 -49.25 35.37 37.71
N THR C 12 -48.10 35.24 38.34
CA THR C 12 -47.05 36.23 38.15
C THR C 12 -45.97 35.71 37.25
N PHE C 13 -45.33 36.62 36.50
CA PHE C 13 -44.30 36.23 35.52
C PHE C 13 -42.96 36.75 36.01
N SER C 14 -41.87 36.20 35.49
CA SER C 14 -40.50 36.64 35.90
C SER C 14 -39.60 36.16 34.78
N THR C 15 -38.31 36.50 34.74
CA THR C 15 -37.45 35.83 33.72
C THR C 15 -37.28 34.35 34.02
N PRO C 16 -37.60 33.51 33.05
CA PRO C 16 -37.33 32.08 33.11
C PRO C 16 -35.88 31.82 33.44
N VAL C 17 -35.56 30.62 33.88
CA VAL C 17 -34.26 30.42 34.50
C VAL C 17 -33.86 28.95 34.33
N LYS C 18 -32.59 28.58 34.55
CA LYS C 18 -32.19 27.19 34.29
C LYS C 18 -32.81 26.25 35.28
N ARG C 19 -33.16 25.07 34.86
CA ARG C 19 -33.61 24.12 35.85
C ARG C 19 -33.14 22.75 35.50
N ILE C 20 -32.91 22.52 34.20
CA ILE C 20 -32.35 21.24 33.80
C ILE C 20 -30.85 21.29 33.79
N PHE C 21 -30.28 20.33 34.51
CA PHE C 21 -28.88 20.44 34.94
C PHE C 21 -28.07 19.20 34.70
N ASP C 22 -28.69 18.03 34.85
CA ASP C 22 -28.01 16.72 34.97
C ASP C 22 -29.03 15.65 34.58
N THR C 23 -28.75 14.38 34.86
CA THR C 23 -29.77 13.37 34.57
C THR C 23 -31.07 13.51 35.39
N GLN C 24 -31.01 13.58 36.73
CA GLN C 24 -32.26 13.58 37.50
C GLN C 24 -33.05 14.81 37.14
N THR C 25 -32.42 15.94 37.17
CA THR C 25 -33.14 17.12 36.81
C THR C 25 -33.98 17.02 35.45
N THR C 26 -33.40 16.50 34.35
CA THR C 26 -34.24 16.12 33.18
C THR C 26 -35.40 15.17 33.55
N LEU C 27 -35.22 14.28 34.53
CA LEU C 27 -36.34 13.40 34.84
C LEU C 27 -37.40 14.16 35.66
N ASP C 28 -37.05 14.92 36.73
CA ASP C 28 -38.12 15.59 37.52
C ASP C 28 -38.96 16.42 36.58
N PHE C 29 -38.30 17.08 35.62
CA PHE C 29 -38.97 17.77 34.56
C PHE C 29 -40.10 16.96 33.88
N GLN C 30 -39.96 15.63 33.90
CA GLN C 30 -40.95 14.76 33.26
C GLN C 30 -42.34 14.91 33.85
N SER C 31 -42.40 15.36 35.10
CA SER C 31 -43.66 15.45 35.84
C SER C 31 -44.07 16.89 36.14
N SER C 32 -43.35 17.85 35.57
CA SER C 32 -43.65 19.27 35.79
C SER C 32 -44.89 19.80 35.07
N LEU C 33 -45.53 20.78 35.69
CA LEU C 33 -46.55 21.56 35.03
C LEU C 33 -46.08 22.14 33.69
N ALA C 34 -44.88 22.67 33.60
CA ALA C 34 -44.34 23.05 32.31
C ALA C 34 -44.58 21.97 31.26
N ILE C 35 -44.25 20.73 31.58
CA ILE C 35 -44.26 19.72 30.52
C ILE C 35 -45.70 19.40 30.10
N HIS C 36 -46.65 19.39 31.06
CA HIS C 36 -47.99 18.94 30.72
C HIS C 36 -48.69 19.91 29.81
N ARG C 37 -48.25 21.15 29.90
CA ARG C 37 -48.62 22.18 28.97
C ARG C 37 -47.97 21.97 27.65
N ILE C 38 -46.67 21.69 27.68
CA ILE C 38 -46.06 21.48 26.41
C ILE C 38 -46.75 20.36 25.64
N LYS C 39 -46.97 19.22 26.33
CA LYS C 39 -47.43 18.00 25.63
C LYS C 39 -48.85 18.30 25.13
N TYR C 40 -49.68 18.86 26.01
CA TYR C 40 -50.99 19.38 25.58
C TYR C 40 -51.00 20.27 24.32
N HIS C 41 -50.15 21.28 24.25
CA HIS C 41 -50.26 22.11 23.06
C HIS C 41 -49.76 21.47 21.86
N LEU C 42 -48.76 20.62 22.00
CA LEU C 42 -48.34 19.74 20.92
C LEU C 42 -49.47 18.81 20.48
N HIS C 43 -50.24 18.26 21.40
CA HIS C 43 -51.35 17.43 20.92
C HIS C 43 -52.31 18.23 20.08
N LYS C 44 -52.77 19.37 20.64
CA LYS C 44 -53.69 20.24 19.94
C LYS C 44 -53.20 20.58 18.53
N TYR C 45 -51.99 21.08 18.41
CA TYR C 45 -51.56 21.52 17.12
C TYR C 45 -51.43 20.33 16.15
N THR C 46 -51.11 19.16 16.67
CA THR C 46 -51.13 18.01 15.79
C THR C 46 -52.59 17.71 15.34
N THR C 47 -53.50 17.63 16.31
CA THR C 47 -54.88 17.31 16.05
C THR C 47 -55.45 18.29 15.05
N LEU C 48 -55.21 19.59 15.29
CA LEU C 48 -55.69 20.69 14.44
C LEU C 48 -55.12 20.47 13.08
N ILE C 49 -53.82 20.29 12.98
CA ILE C 49 -53.24 20.41 11.68
C ILE C 49 -53.76 19.37 10.72
N SER C 50 -54.22 18.25 11.26
CA SER C 50 -54.77 17.19 10.44
C SER C 50 -56.16 17.55 9.85
N HIS C 51 -56.51 18.85 9.90
CA HIS C 51 -57.74 19.39 9.30
C HIS C 51 -57.25 20.05 8.05
N CYS C 52 -55.99 20.45 8.09
CA CYS C 52 -55.43 21.14 7.02
C CYS C 52 -54.57 20.23 6.17
N SER C 53 -55.11 19.21 5.51
CA SER C 53 -54.34 18.37 4.55
C SER C 53 -53.87 19.12 3.29
N ASP C 54 -54.33 20.33 3.14
CA ASP C 54 -54.49 20.88 1.85
C ASP C 54 -54.51 22.34 2.05
N PRO C 55 -53.48 22.88 2.67
CA PRO C 55 -53.27 24.31 3.00
C PRO C 55 -53.18 25.22 1.79
N ASP C 56 -53.38 26.52 2.01
CA ASP C 56 -53.18 27.51 0.88
C ASP C 56 -51.73 27.93 0.79
N PRO C 57 -51.05 27.47 -0.25
CA PRO C 57 -49.61 27.68 -0.32
C PRO C 57 -49.29 29.18 -0.33
N HIS C 58 -50.19 30.01 -0.91
CA HIS C 58 -50.08 31.48 -0.91
C HIS C 58 -50.80 32.19 0.24
N ALA C 59 -51.17 31.52 1.31
CA ALA C 59 -51.94 32.19 2.39
C ALA C 59 -51.14 33.35 3.02
N THR C 60 -51.79 34.38 3.57
CA THR C 60 -50.97 35.48 4.10
C THR C 60 -51.23 35.88 5.55
N ALA C 61 -52.51 35.85 5.92
CA ALA C 61 -52.98 36.25 7.25
C ALA C 61 -54.08 35.34 7.75
N SER C 62 -54.05 34.97 9.05
CA SER C 62 -55.24 34.43 9.80
C SER C 62 -56.48 35.34 9.80
N SER C 63 -57.47 35.04 10.62
CA SER C 63 -58.49 35.98 11.04
C SER C 63 -58.29 36.34 12.47
N ILE C 64 -57.33 35.69 13.11
CA ILE C 64 -57.00 35.98 14.49
C ILE C 64 -55.95 37.05 14.45
N ALA C 65 -56.14 38.07 15.28
CA ALA C 65 -55.18 39.15 15.39
C ALA C 65 -53.83 38.51 15.65
N MET C 66 -53.76 37.66 16.67
CA MET C 66 -52.45 37.29 17.11
C MET C 66 -51.69 36.46 16.09
N VAL C 67 -52.34 35.55 15.35
CA VAL C 67 -51.47 34.86 14.43
C VAL C 67 -50.87 35.91 13.49
N ASN C 68 -51.60 36.99 13.26
CA ASN C 68 -51.01 38.04 12.45
C ASN C 68 -49.90 38.85 13.08
N GLY C 69 -49.84 38.95 14.39
CA GLY C 69 -48.75 39.66 15.01
C GLY C 69 -47.57 38.71 15.04
N LEU C 70 -47.78 37.52 15.58
CA LEU C 70 -46.66 36.56 15.65
C LEU C 70 -46.08 36.31 14.24
N MET C 71 -46.91 36.49 13.21
CA MET C 71 -46.55 36.43 11.81
C MET C 71 -45.56 37.57 11.59
N GLY C 72 -46.00 38.79 11.91
CA GLY C 72 -45.25 40.03 11.60
C GLY C 72 -43.97 40.24 12.37
N VAL C 73 -43.83 39.47 13.45
CA VAL C 73 -42.68 39.67 14.30
C VAL C 73 -41.65 38.69 13.76
N LEU C 74 -42.10 37.51 13.33
CA LEU C 74 -41.24 36.61 12.58
C LEU C 74 -40.74 37.34 11.37
N ASP C 75 -41.66 38.04 10.72
CA ASP C 75 -41.27 38.88 9.62
C ASP C 75 -40.13 39.83 9.90
N LYS C 76 -40.20 40.56 11.03
CA LYS C 76 -39.15 41.53 11.39
C LYS C 76 -37.77 40.87 11.63
N LEU C 77 -37.75 39.82 12.46
CA LEU C 77 -36.50 39.08 12.66
C LEU C 77 -36.08 38.27 11.41
N ALA C 78 -36.99 38.01 10.48
CA ALA C 78 -36.56 37.53 9.17
C ALA C 78 -35.77 38.61 8.43
N HIS C 79 -36.26 39.87 8.36
CA HIS C 79 -35.51 40.98 7.68
C HIS C 79 -34.09 41.17 8.22
N LEU C 80 -33.83 40.54 9.37
CA LEU C 80 -32.58 40.77 10.08
C LEU C 80 -31.37 40.09 9.39
N ILE C 81 -31.59 38.84 8.97
CA ILE C 81 -30.60 38.14 8.15
C ILE C 81 -29.94 38.98 7.06
N ASP C 82 -30.73 39.69 6.24
CA ASP C 82 -30.21 40.64 5.20
C ASP C 82 -29.17 41.61 5.74
N GLU C 83 -29.49 42.22 6.89
CA GLU C 83 -28.63 43.15 7.64
C GLU C 83 -27.39 42.52 8.35
N THR C 84 -27.03 41.31 7.99
CA THR C 84 -26.07 40.56 8.76
C THR C 84 -25.40 39.60 7.79
N PRO C 85 -24.76 40.14 6.73
CA PRO C 85 -24.10 39.28 5.75
C PRO C 85 -23.17 38.33 6.47
N PRO C 86 -23.16 37.04 6.09
CA PRO C 86 -22.28 36.05 6.71
C PRO C 86 -20.80 36.34 6.44
N LEU C 87 -19.92 35.69 7.19
CA LEU C 87 -18.46 35.86 7.00
C LEU C 87 -17.91 34.93 5.94
N PRO C 88 -17.07 35.42 5.00
CA PRO C 88 -16.45 34.47 4.05
C PRO C 88 -15.81 33.21 4.73
N GLY C 89 -15.22 32.28 3.96
CA GLY C 89 -14.49 31.09 4.50
C GLY C 89 -15.18 29.71 4.42
N PRO C 90 -14.70 28.73 5.22
CA PRO C 90 -15.16 27.35 4.98
C PRO C 90 -16.55 27.04 5.52
N ARG C 91 -17.51 26.91 4.58
CA ARG C 91 -18.92 26.39 4.74
C ARG C 91 -19.04 25.19 5.73
N ARG C 92 -18.09 24.99 6.65
CA ARG C 92 -18.11 23.76 7.46
C ARG C 92 -18.75 23.83 8.89
N TYR C 93 -18.45 24.86 9.70
CA TYR C 93 -19.08 25.03 11.04
C TYR C 93 -20.06 26.23 11.18
N GLY C 94 -20.60 26.46 12.37
CA GLY C 94 -21.29 27.73 12.67
C GLY C 94 -20.54 28.92 12.05
N ASN C 95 -21.22 29.67 11.20
CA ASN C 95 -20.58 30.82 10.61
C ASN C 95 -20.73 31.96 11.57
N LEU C 96 -19.62 32.66 11.80
CA LEU C 96 -19.52 33.60 12.90
C LEU C 96 -20.51 34.73 12.93
N ALA C 97 -21.03 35.15 11.76
CA ALA C 97 -21.94 36.33 11.64
C ALA C 97 -23.15 36.22 12.58
N CYS C 98 -23.30 35.02 13.04
CA CYS C 98 -24.44 34.63 13.72
C CYS C 98 -24.58 35.33 15.07
N ARG C 99 -23.46 35.50 15.79
CA ARG C 99 -23.51 36.14 17.09
C ARG C 99 -24.16 37.49 16.90
N GLU C 100 -23.75 38.18 15.85
CA GLU C 100 -24.26 39.49 15.57
C GLU C 100 -25.78 39.50 15.48
N TRP C 101 -26.35 38.73 14.56
CA TRP C 101 -27.81 38.61 14.38
C TRP C 101 -28.58 38.48 15.72
N HIS C 102 -28.20 37.50 16.53
CA HIS C 102 -28.69 37.42 17.87
C HIS C 102 -28.51 38.66 18.76
N HIS C 103 -27.40 39.41 18.65
CA HIS C 103 -27.26 40.71 19.37
C HIS C 103 -28.37 41.68 18.95
N LYS C 104 -28.52 41.83 17.63
CA LYS C 104 -29.63 42.62 17.09
C LYS C 104 -30.98 42.10 17.58
N LEU C 105 -31.16 40.79 17.60
CA LEU C 105 -32.43 40.28 18.06
C LEU C 105 -32.69 40.68 19.54
N ASP C 106 -31.65 40.57 20.36
CA ASP C 106 -31.87 40.58 21.77
C ASP C 106 -32.12 42.04 22.14
N GLU C 107 -31.95 42.87 21.12
CA GLU C 107 -32.11 44.30 21.20
C GLU C 107 -33.53 44.86 20.86
N ARG C 108 -34.08 44.51 19.68
CA ARG C 108 -35.46 44.92 19.33
C ARG C 108 -36.56 43.84 19.61
N LEU C 109 -36.23 42.64 20.09
CA LEU C 109 -37.33 41.71 20.37
C LEU C 109 -38.28 42.31 21.42
N PRO C 110 -37.72 42.81 22.54
CA PRO C 110 -38.57 43.20 23.63
C PRO C 110 -39.47 44.32 23.18
N GLN C 111 -38.93 45.24 22.40
CA GLN C 111 -39.75 46.22 21.65
C GLN C 111 -40.87 45.56 20.78
N TRP C 112 -40.50 44.64 19.91
CA TRP C 112 -41.47 44.11 18.95
C TRP C 112 -42.65 43.28 19.54
N LEU C 113 -42.36 42.52 20.61
CA LEU C 113 -43.42 41.96 21.43
C LEU C 113 -44.18 43.04 22.23
N GLN C 114 -43.51 44.12 22.64
CA GLN C 114 -44.20 45.24 23.30
C GLN C 114 -45.39 45.67 22.41
N GLU C 115 -45.09 46.09 21.17
CA GLU C 115 -46.12 46.49 20.22
C GLU C 115 -47.13 45.40 19.98
N MET C 116 -46.63 44.16 19.82
CA MET C 116 -47.44 43.02 19.47
C MET C 116 -48.55 42.67 20.47
N LEU C 117 -48.22 42.53 21.76
CA LEU C 117 -49.27 42.32 22.77
C LEU C 117 -49.86 43.66 23.12
N PRO C 118 -51.17 43.75 23.37
CA PRO C 118 -51.71 45.01 23.81
C PRO C 118 -51.29 45.36 25.26
N SER C 119 -51.38 46.64 25.60
CA SER C 119 -50.83 47.21 26.86
C SER C 119 -50.91 46.23 28.01
N GLU C 120 -52.05 46.11 28.68
CA GLU C 120 -52.32 45.04 29.70
C GLU C 120 -51.40 43.78 29.76
N TYR C 121 -50.79 43.39 28.65
CA TYR C 121 -49.98 42.19 28.67
C TYR C 121 -48.47 42.29 28.84
N HIS C 122 -47.89 43.46 28.57
CA HIS C 122 -46.44 43.66 28.48
C HIS C 122 -45.68 42.99 29.65
N GLU C 123 -46.40 42.74 30.72
CA GLU C 123 -45.81 42.17 31.91
C GLU C 123 -45.65 40.69 31.73
N VAL C 124 -45.55 40.27 30.47
CA VAL C 124 -45.55 38.89 30.05
C VAL C 124 -44.35 38.74 29.17
N VAL C 125 -44.00 39.81 28.48
CA VAL C 125 -42.80 39.89 27.66
C VAL C 125 -41.55 39.18 28.21
N PRO C 126 -41.04 39.56 29.40
CA PRO C 126 -39.81 38.86 29.85
C PRO C 126 -39.93 37.35 29.69
N GLU C 127 -41.04 36.77 30.14
CA GLU C 127 -41.20 35.36 29.89
C GLU C 127 -41.26 35.04 28.38
N LEU C 128 -42.10 35.75 27.62
CA LEU C 128 -42.29 35.48 26.16
C LEU C 128 -41.00 35.64 25.35
N GLN C 129 -40.34 36.78 25.59
CA GLN C 129 -39.04 37.18 25.08
C GLN C 129 -38.15 36.00 25.01
N TYR C 130 -38.18 35.22 26.10
CA TYR C 130 -37.19 34.18 26.34
C TYR C 130 -37.47 33.11 25.35
N TYR C 131 -38.72 32.72 25.28
CA TYR C 131 -39.00 31.55 24.51
C TYR C 131 -38.82 31.84 23.05
N LEU C 132 -39.38 32.95 22.58
CA LEU C 132 -39.28 33.25 21.16
C LEU C 132 -37.82 33.35 20.91
N GLY C 133 -37.16 34.17 21.73
CA GLY C 133 -35.71 34.41 21.61
C GLY C 133 -34.81 33.19 21.45
N ASN C 134 -35.28 32.06 21.92
CA ASN C 134 -34.45 30.92 22.02
C ASN C 134 -34.90 29.91 20.96
N SER C 135 -36.03 30.21 20.32
CA SER C 135 -36.52 29.54 19.12
C SER C 135 -35.52 29.38 17.96
N PHE C 136 -34.65 30.35 17.68
CA PHE C 136 -33.85 30.31 16.42
C PHE C 136 -32.38 29.76 16.43
N GLY C 137 -32.05 28.86 17.34
CA GLY C 137 -30.61 28.50 17.50
C GLY C 137 -29.85 29.07 18.69
N SER C 138 -28.66 28.52 18.97
CA SER C 138 -27.79 28.91 20.07
C SER C 138 -26.93 30.11 19.76
N SER C 139 -27.18 31.10 20.62
CA SER C 139 -26.50 32.39 20.79
C SER C 139 -24.95 32.41 20.67
N THR C 140 -24.31 31.32 21.12
CA THR C 140 -22.85 31.16 21.12
C THR C 140 -22.32 29.77 20.78
N ARG C 141 -23.14 28.73 20.76
CA ARG C 141 -22.62 27.51 20.18
C ARG C 141 -22.61 27.60 18.63
N LEU C 142 -23.34 28.56 18.09
CA LEU C 142 -23.61 28.61 16.65
C LEU C 142 -24.27 27.30 16.10
N ASP C 143 -25.20 26.71 16.86
CA ASP C 143 -25.99 25.56 16.40
C ASP C 143 -27.53 25.85 16.38
N TYR C 144 -28.33 24.80 16.21
CA TYR C 144 -29.80 24.89 16.18
C TYR C 144 -30.22 23.46 16.05
N GLY C 145 -31.21 23.04 16.84
CA GLY C 145 -31.82 21.68 16.83
C GLY C 145 -33.19 21.60 17.60
N THR C 146 -33.55 20.34 17.96
CA THR C 146 -34.91 20.03 18.38
C THR C 146 -35.44 20.86 19.52
N GLY C 147 -34.54 21.11 20.47
CA GLY C 147 -34.67 22.08 21.56
C GLY C 147 -35.14 23.54 21.33
N HIS C 148 -34.67 24.20 20.26
CA HIS C 148 -35.20 25.50 19.86
C HIS C 148 -36.54 25.28 19.12
N GLU C 149 -36.59 24.32 18.19
CA GLU C 149 -37.85 24.11 17.48
C GLU C 149 -38.89 23.92 18.60
N LEU C 150 -38.51 23.16 19.64
CA LEU C 150 -39.39 22.95 20.76
C LEU C 150 -39.77 24.29 21.39
N SER C 151 -38.80 25.21 21.51
CA SER C 151 -39.04 26.62 22.00
C SER C 151 -40.01 27.51 21.19
N PHE C 152 -40.28 27.12 19.97
CA PHE C 152 -41.03 28.05 19.18
C PHE C 152 -42.46 27.67 19.41
N MET C 153 -42.67 26.38 19.38
CA MET C 153 -43.95 25.75 19.75
C MET C 153 -44.32 26.27 21.13
N ALA C 154 -43.32 26.35 22.01
CA ALA C 154 -43.51 26.87 23.32
C ALA C 154 -44.00 28.34 23.27
N THR C 155 -43.41 29.18 22.39
CA THR C 155 -43.81 30.58 22.27
C THR C 155 -45.29 30.48 21.99
N VAL C 156 -45.66 29.66 21.00
CA VAL C 156 -47.00 29.83 20.52
C VAL C 156 -47.97 29.37 21.59
N ALA C 157 -47.63 28.25 22.19
CA ALA C 157 -48.45 27.73 23.25
C ALA C 157 -48.63 28.80 24.35
N ALA C 158 -47.61 29.62 24.57
CA ALA C 158 -47.76 30.64 25.56
C ALA C 158 -48.85 31.57 25.08
N LEU C 159 -48.71 32.06 23.83
CA LEU C 159 -49.62 33.11 23.35
C LEU C 159 -51.02 32.57 23.42
N ASP C 160 -51.11 31.28 23.11
CA ASP C 160 -52.32 30.51 23.18
C ASP C 160 -52.79 30.52 24.63
N MET C 161 -51.96 30.03 25.55
CA MET C 161 -52.35 30.00 26.96
C MET C 161 -52.97 31.32 27.47
N LEU C 162 -52.85 32.39 26.71
CA LEU C 162 -53.40 33.63 27.14
C LEU C 162 -54.76 33.81 26.55
N GLY C 163 -55.21 32.82 25.80
CA GLY C 163 -56.49 32.92 25.14
C GLY C 163 -56.53 33.89 23.99
N MET C 164 -55.39 34.22 23.39
CA MET C 164 -55.40 35.00 22.14
C MET C 164 -55.32 34.20 20.84
N PHE C 165 -55.68 32.92 20.87
CA PHE C 165 -56.03 32.19 19.65
C PHE C 165 -57.37 31.50 19.87
N PRO C 166 -58.45 32.27 19.86
CA PRO C 166 -59.78 31.72 19.84
C PRO C 166 -59.96 30.95 18.57
N HIS C 167 -60.64 29.81 18.64
CA HIS C 167 -60.95 29.00 17.43
C HIS C 167 -59.86 28.87 16.36
N MET C 168 -58.71 28.37 16.78
CA MET C 168 -57.58 28.43 15.91
C MET C 168 -57.73 27.19 15.08
N ARG C 169 -57.77 27.35 13.76
CA ARG C 169 -57.92 26.20 12.88
C ARG C 169 -56.49 25.63 12.54
N GLY C 170 -56.41 24.38 12.03
CA GLY C 170 -55.11 23.84 11.56
C GLY C 170 -54.41 24.75 10.55
N ALA C 171 -55.17 25.58 9.85
CA ALA C 171 -54.57 26.51 8.90
C ALA C 171 -53.72 27.62 9.58
N ASP C 172 -54.14 28.07 10.78
CA ASP C 172 -53.30 28.98 11.54
C ASP C 172 -52.02 28.25 12.00
N VAL C 173 -52.10 27.08 12.63
CA VAL C 173 -50.84 26.39 12.90
C VAL C 173 -50.06 26.29 11.61
N PHE C 174 -50.69 26.09 10.46
CA PHE C 174 -49.89 25.79 9.30
C PHE C 174 -49.16 26.99 8.97
N LEU C 175 -49.80 28.13 9.13
CA LEU C 175 -49.30 29.43 8.63
C LEU C 175 -48.10 29.94 9.44
N LEU C 176 -48.19 29.85 10.78
CA LEU C 176 -47.12 30.30 11.67
C LEU C 176 -45.92 29.41 11.52
N PHE C 177 -46.13 28.11 11.53
CA PHE C 177 -44.96 27.25 11.37
C PHE C 177 -44.37 27.41 9.96
N ASN C 178 -45.19 27.63 8.94
CA ASN C 178 -44.58 27.72 7.62
C ASN C 178 -43.52 28.83 7.47
N LYS C 179 -43.83 29.98 8.09
CA LYS C 179 -42.95 31.13 8.19
C LYS C 179 -41.80 30.74 9.11
N TYR C 180 -42.13 30.08 10.21
CA TYR C 180 -41.11 29.63 11.11
C TYR C 180 -40.12 28.78 10.37
N TYR C 181 -40.54 27.71 9.71
CA TYR C 181 -39.55 26.91 9.00
C TYR C 181 -38.88 27.61 7.81
N THR C 182 -39.45 28.71 7.34
CA THR C 182 -38.90 29.32 6.15
C THR C 182 -37.68 29.99 6.63
N ILE C 183 -37.84 30.55 7.83
CA ILE C 183 -36.84 31.36 8.43
C ILE C 183 -35.70 30.40 8.89
N MET C 184 -36.07 29.28 9.43
CA MET C 184 -35.09 28.43 10.06
C MET C 184 -34.35 27.75 8.97
N ARG C 185 -35.05 27.40 7.92
CA ARG C 185 -34.36 26.90 6.74
C ARG C 185 -33.35 27.98 6.31
N ARG C 186 -33.74 29.23 6.24
CA ARG C 186 -32.79 30.23 5.74
C ARG C 186 -31.63 30.49 6.70
N LEU C 187 -31.87 30.43 8.02
CA LEU C 187 -30.81 30.67 8.98
C LEU C 187 -29.75 29.57 8.92
N ILE C 188 -30.20 28.31 8.96
CA ILE C 188 -29.34 27.14 8.93
C ILE C 188 -28.43 27.16 7.73
N LEU C 189 -28.97 27.54 6.60
CA LEU C 189 -28.14 27.62 5.43
C LEU C 189 -27.23 28.82 5.36
N THR C 190 -27.60 29.95 5.97
CA THR C 190 -26.83 31.20 5.70
C THR C 190 -25.67 31.31 6.66
N TYR C 191 -26.00 30.94 7.91
CA TYR C 191 -25.09 30.91 9.04
C TYR C 191 -24.50 29.52 9.22
N THR C 192 -24.97 28.61 8.37
CA THR C 192 -24.23 27.42 8.06
C THR C 192 -24.10 26.62 9.38
N LEU C 193 -25.24 26.51 10.08
CA LEU C 193 -25.30 26.17 11.49
C LEU C 193 -25.17 24.71 11.74
N GLU C 194 -24.57 24.38 12.88
CA GLU C 194 -24.28 23.02 13.26
C GLU C 194 -25.57 22.54 13.92
N PRO C 195 -25.83 21.22 13.92
CA PRO C 195 -26.96 20.65 14.70
C PRO C 195 -26.73 20.59 16.23
N ALA C 196 -27.78 20.85 17.04
CA ALA C 196 -27.71 20.77 18.55
C ALA C 196 -28.54 19.66 19.17
N GLY C 197 -27.92 18.79 19.93
CA GLY C 197 -28.69 17.67 20.51
C GLY C 197 -28.73 16.55 19.50
N SER C 198 -28.08 16.77 18.36
CA SER C 198 -28.11 15.83 17.27
C SER C 198 -27.74 14.41 17.76
N HIS C 199 -28.45 13.43 17.26
CA HIS C 199 -28.20 12.10 17.71
C HIS C 199 -27.55 11.39 16.48
N GLY C 200 -26.97 12.21 15.61
CA GLY C 200 -26.31 11.76 14.40
C GLY C 200 -27.30 11.03 13.49
N VAL C 201 -26.75 10.14 12.72
CA VAL C 201 -27.41 9.11 11.95
C VAL C 201 -28.34 8.17 12.80
N TRP C 202 -28.57 8.51 14.07
CA TRP C 202 -29.32 7.65 14.95
C TRP C 202 -30.39 8.53 15.45
N GLY C 203 -30.67 9.59 14.71
CA GLY C 203 -31.82 10.39 14.98
C GLY C 203 -32.68 10.70 13.78
N LEU C 204 -33.92 11.07 14.06
CA LEU C 204 -34.84 11.51 13.04
C LEU C 204 -34.20 12.40 12.00
N ASP C 205 -33.70 13.56 12.43
CA ASP C 205 -33.24 14.70 11.54
C ASP C 205 -32.26 15.59 12.33
N ASP C 206 -31.41 16.29 11.63
CA ASP C 206 -30.34 17.01 12.34
C ASP C 206 -30.88 18.16 13.17
N HIS C 207 -31.89 18.86 12.68
CA HIS C 207 -32.35 20.04 13.35
C HIS C 207 -33.78 19.98 13.82
N PHE C 208 -34.64 19.19 13.15
CA PHE C 208 -36.14 19.16 13.32
C PHE C 208 -36.76 17.78 13.76
N HIS C 209 -37.97 17.82 14.33
CA HIS C 209 -38.72 16.58 14.64
C HIS C 209 -40.22 16.88 14.56
N LEU C 210 -40.55 18.03 15.15
CA LEU C 210 -41.84 18.60 15.06
C LEU C 210 -42.26 18.72 13.57
N VAL C 211 -41.45 19.33 12.69
CA VAL C 211 -41.93 19.41 11.28
C VAL C 211 -42.59 18.11 10.95
N TYR C 212 -41.86 17.00 11.06
CA TYR C 212 -42.40 15.69 10.65
C TYR C 212 -43.67 15.24 11.34
N ILE C 213 -43.81 15.47 12.65
CA ILE C 213 -45.06 15.16 13.42
C ILE C 213 -46.13 16.07 12.89
N LEU C 214 -45.77 17.22 12.35
CA LEU C 214 -46.86 18.00 11.83
C LEU C 214 -47.25 17.50 10.46
N GLY C 215 -46.28 17.43 9.55
CA GLY C 215 -46.48 16.95 8.16
C GLY C 215 -47.30 15.68 8.13
N SER C 216 -46.75 14.58 8.65
CA SER C 216 -47.49 13.35 8.96
C SER C 216 -48.92 13.53 9.48
N SER C 217 -49.17 14.39 10.48
CA SER C 217 -50.55 14.64 10.92
C SER C 217 -51.43 15.08 9.78
N GLN C 218 -51.04 16.12 9.05
CA GLN C 218 -51.82 16.56 7.91
C GLN C 218 -52.34 15.43 7.02
N TRP C 219 -51.56 14.40 6.72
CA TRP C 219 -52.14 13.34 5.87
C TRP C 219 -52.77 12.16 6.60
N GLN C 220 -52.66 12.23 7.93
CA GLN C 220 -53.29 11.28 8.88
C GLN C 220 -54.67 10.84 8.56
N LEU C 221 -55.56 11.80 8.40
CA LEU C 221 -56.93 11.46 8.16
C LEU C 221 -57.19 10.95 6.76
N LEU C 222 -56.42 11.38 5.76
CA LEU C 222 -56.63 10.75 4.44
C LEU C 222 -55.90 9.39 4.09
N ASP C 223 -55.07 8.84 5.00
CA ASP C 223 -53.96 7.94 4.60
C ASP C 223 -54.06 7.18 3.28
N ALA C 224 -54.97 6.23 3.15
CA ALA C 224 -55.09 5.66 1.83
C ALA C 224 -55.35 6.76 0.76
N GLN C 225 -56.31 7.65 0.94
CA GLN C 225 -56.53 8.66 -0.11
C GLN C 225 -55.59 9.90 0.01
N ALA C 226 -54.36 9.69 0.39
CA ALA C 226 -53.46 10.78 0.58
C ALA C 226 -52.63 11.03 -0.71
N PRO C 227 -52.30 12.30 -1.03
CA PRO C 227 -51.69 12.49 -2.34
C PRO C 227 -50.41 11.70 -2.48
N LEU C 228 -49.72 11.40 -1.38
CA LEU C 228 -48.58 10.45 -1.36
C LEU C 228 -48.55 9.48 -0.14
N GLN C 229 -48.01 8.30 -0.37
CA GLN C 229 -47.81 7.35 0.70
C GLN C 229 -46.46 7.47 1.47
N PRO C 230 -46.43 7.04 2.72
CA PRO C 230 -45.13 7.13 3.36
C PRO C 230 -44.00 6.54 2.51
N ARG C 231 -44.26 5.44 1.80
CA ARG C 231 -43.24 4.90 0.88
C ARG C 231 -42.61 5.93 -0.05
N GLU C 232 -43.34 7.00 -0.35
CA GLU C 232 -43.09 7.75 -1.57
C GLU C 232 -42.26 8.96 -1.35
N ILE C 233 -42.18 9.42 -0.10
CA ILE C 233 -41.33 10.57 0.21
C ILE C 233 -39.88 10.27 -0.23
N LEU C 234 -39.65 9.01 -0.58
CA LEU C 234 -38.38 8.59 -1.07
C LEU C 234 -38.13 9.01 -2.47
N ASP C 235 -39.12 9.62 -3.11
CA ASP C 235 -39.01 10.00 -4.52
C ASP C 235 -38.76 11.54 -4.62
N LYS C 236 -37.49 11.92 -4.85
CA LYS C 236 -37.06 13.34 -4.83
C LYS C 236 -38.12 14.21 -5.63
N SER C 237 -38.48 13.78 -6.86
CA SER C 237 -39.54 14.49 -7.69
C SER C 237 -40.94 14.81 -7.12
N LEU C 238 -41.46 13.92 -6.29
CA LEU C 238 -42.78 14.05 -5.68
C LEU C 238 -42.84 14.88 -4.41
N VAL C 239 -41.94 14.57 -3.48
CA VAL C 239 -41.55 15.46 -2.39
C VAL C 239 -41.51 16.93 -2.83
N ARG C 240 -40.82 17.20 -3.94
CA ARG C 240 -40.79 18.56 -4.49
C ARG C 240 -42.21 19.04 -4.78
N GLU C 241 -42.93 18.21 -5.55
CA GLU C 241 -44.31 18.52 -5.86
C GLU C 241 -45.15 18.98 -4.64
N TYR C 242 -44.88 18.45 -3.45
CA TYR C 242 -45.74 18.74 -2.31
C TYR C 242 -45.10 19.60 -1.27
N LYS C 243 -43.81 19.94 -1.46
CA LYS C 243 -43.08 20.67 -0.42
C LYS C 243 -43.67 22.00 0.04
N ASP C 244 -44.72 22.49 -0.62
CA ASP C 244 -45.41 23.67 -0.13
C ASP C 244 -46.65 23.37 0.71
N THR C 245 -47.24 22.18 0.57
CA THR C 245 -48.62 21.88 1.01
C THR C 245 -48.42 21.07 2.31
N ASN C 246 -47.17 20.60 2.50
CA ASN C 246 -46.94 19.55 3.48
C ASN C 246 -45.59 19.57 4.21
N PHE C 247 -45.61 19.54 5.53
CA PHE C 247 -44.37 19.73 6.23
C PHE C 247 -43.45 18.56 6.03
N TYR C 248 -44.00 17.37 5.92
CA TYR C 248 -43.15 16.19 5.79
C TYR C 248 -42.36 16.23 4.50
N CYS C 249 -42.95 16.80 3.47
CA CYS C 249 -42.21 16.83 2.22
C CYS C 249 -41.20 17.95 2.36
N GLN C 250 -41.62 19.00 3.06
CA GLN C 250 -40.78 20.14 3.25
C GLN C 250 -39.48 19.77 4.06
N GLY C 251 -39.64 19.19 5.24
CA GLY C 251 -38.58 18.43 5.88
C GLY C 251 -37.76 17.65 4.87
N ILE C 252 -38.34 16.64 4.25
CA ILE C 252 -37.49 15.68 3.48
C ILE C 252 -36.73 16.41 2.35
N ASN C 253 -37.43 17.33 1.69
CA ASN C 253 -36.83 18.18 0.69
C ASN C 253 -35.58 18.90 1.20
N PHE C 254 -35.63 19.31 2.46
CA PHE C 254 -34.54 20.08 3.04
C PHE C 254 -33.29 19.24 3.38
N ILE C 255 -33.47 18.08 4.00
CA ILE C 255 -32.41 17.06 4.08
C ILE C 255 -31.87 16.91 2.69
N ASN C 256 -32.74 16.59 1.76
CA ASN C 256 -32.34 16.28 0.41
C ASN C 256 -31.49 17.30 -0.29
N GLU C 257 -31.45 18.50 0.24
CA GLU C 257 -30.86 19.57 -0.50
C GLU C 257 -29.43 19.73 -0.01
N VAL C 258 -29.37 19.88 1.30
CA VAL C 258 -28.20 19.85 2.16
C VAL C 258 -27.25 18.62 2.15
N LYS C 259 -27.78 17.40 2.12
CA LYS C 259 -27.00 16.23 2.47
C LYS C 259 -26.79 15.39 1.22
N MET C 260 -25.61 14.83 1.06
CA MET C 260 -25.17 14.52 -0.26
C MET C 260 -25.35 13.11 -0.80
N GLY C 261 -25.44 12.10 0.06
CA GLY C 261 -25.37 10.70 -0.44
C GLY C 261 -26.65 10.07 -0.94
N PRO C 262 -26.70 8.75 -1.06
CA PRO C 262 -28.01 8.12 -1.18
C PRO C 262 -28.78 8.34 0.11
N PHE C 263 -30.04 8.75 0.00
CA PHE C 263 -30.87 9.08 1.15
C PHE C 263 -30.84 8.03 2.23
N GLU C 264 -30.90 6.76 1.86
CA GLU C 264 -30.92 5.65 2.81
C GLU C 264 -29.71 5.58 3.77
N GLU C 265 -28.55 6.04 3.29
CA GLU C 265 -27.29 6.01 4.06
C GLU C 265 -27.21 7.14 5.07
N HIS C 266 -27.89 8.25 4.79
CA HIS C 266 -27.70 9.41 5.63
C HIS C 266 -28.87 9.68 6.53
N SER C 267 -30.04 9.16 6.20
CA SER C 267 -31.19 9.47 7.01
C SER C 267 -31.81 8.13 7.26
N PRO C 268 -31.01 7.23 7.84
CA PRO C 268 -31.56 5.89 7.95
C PRO C 268 -32.91 5.79 8.68
N ILE C 269 -33.19 6.54 9.72
CA ILE C 269 -34.49 6.40 10.35
C ILE C 269 -35.63 6.84 9.42
N LEU C 270 -35.64 8.10 9.01
CA LEU C 270 -36.62 8.47 8.01
C LEU C 270 -36.68 7.42 6.89
N TYR C 271 -35.56 6.86 6.49
CA TYR C 271 -35.68 5.83 5.47
C TYR C 271 -36.56 4.63 5.94
N ASP C 272 -36.19 3.98 7.03
CA ASP C 272 -36.98 2.92 7.63
C ASP C 272 -38.45 3.26 7.79
N ILE C 273 -38.76 4.49 8.20
CA ILE C 273 -40.14 4.91 8.32
C ILE C 273 -40.86 4.80 6.95
N ALA C 274 -40.14 5.23 5.92
CA ALA C 274 -40.72 5.40 4.60
C ALA C 274 -41.03 4.02 4.05
N VAL C 275 -40.23 3.07 4.51
CA VAL C 275 -40.19 1.72 3.98
C VAL C 275 -40.95 0.69 4.87
N THR C 276 -41.52 1.13 5.99
CA THR C 276 -41.89 0.22 7.08
C THR C 276 -43.22 0.55 7.72
N VAL C 277 -43.54 1.85 7.77
CA VAL C 277 -44.86 2.30 8.30
C VAL C 277 -45.85 2.40 7.12
N PRO C 278 -46.92 1.59 7.18
CA PRO C 278 -47.68 1.53 5.93
C PRO C 278 -48.43 2.81 5.70
N ARG C 279 -48.72 3.61 6.74
CA ARG C 279 -49.70 4.73 6.62
C ARG C 279 -49.49 5.93 7.63
N TRP C 280 -49.79 7.15 7.19
CA TRP C 280 -49.41 8.35 7.92
C TRP C 280 -49.89 8.43 9.35
N SER C 281 -51.08 7.91 9.64
CA SER C 281 -51.63 7.93 10.99
C SER C 281 -50.72 7.17 11.93
N LYS C 282 -50.11 6.11 11.42
CA LYS C 282 -49.05 5.39 12.15
C LYS C 282 -47.76 6.21 12.41
N VAL C 283 -47.24 6.80 11.35
CA VAL C 283 -46.07 7.64 11.43
C VAL C 283 -46.23 8.69 12.52
N CYS C 284 -47.27 9.52 12.38
CA CYS C 284 -47.60 10.47 13.41
C CYS C 284 -47.74 9.89 14.87
N LYS C 285 -48.40 8.72 15.03
CA LYS C 285 -48.54 8.14 16.38
C LYS C 285 -47.15 7.86 16.85
N GLY C 286 -46.44 7.05 16.08
CA GLY C 286 -45.01 6.80 16.23
C GLY C 286 -44.07 8.00 16.34
N LEU C 287 -44.23 9.02 15.50
CA LEU C 287 -43.38 10.20 15.70
C LEU C 287 -43.65 11.03 16.96
N LEU C 288 -44.91 11.14 17.39
CA LEU C 288 -45.25 11.62 18.73
C LEU C 288 -44.61 10.80 19.87
N LYS C 289 -44.80 9.47 19.93
CA LYS C 289 -44.09 8.62 20.91
C LYS C 289 -42.59 8.92 20.85
N MET C 290 -42.06 9.05 19.66
CA MET C 290 -40.67 9.35 19.59
C MET C 290 -40.40 10.70 20.28
N TYR C 291 -40.87 11.83 19.76
CA TYR C 291 -40.75 13.13 20.44
C TYR C 291 -40.68 13.10 21.97
N SER C 292 -41.60 12.37 22.56
CA SER C 292 -41.59 12.45 24.01
C SER C 292 -40.48 11.62 24.68
N VAL C 293 -39.89 10.67 23.95
CA VAL C 293 -38.63 10.08 24.38
C VAL C 293 -37.47 10.95 23.91
N GLU C 294 -37.26 10.91 22.60
CA GLU C 294 -36.05 11.46 21.94
C GLU C 294 -35.82 13.02 22.02
N VAL C 295 -36.87 13.80 22.20
CA VAL C 295 -36.65 15.17 22.71
C VAL C 295 -37.05 15.36 24.21
N LEU C 296 -38.25 14.95 24.61
CA LEU C 296 -38.64 15.58 25.89
C LEU C 296 -37.90 15.00 27.08
N LYS C 297 -37.26 13.86 26.85
CA LYS C 297 -36.63 13.17 27.93
C LYS C 297 -35.08 13.14 27.79
N LYS C 298 -34.54 13.85 26.81
CA LYS C 298 -33.13 13.78 26.63
C LYS C 298 -32.54 15.19 26.86
N PHE C 299 -31.47 15.21 27.67
CA PHE C 299 -30.82 16.35 28.31
C PHE C 299 -30.12 17.27 27.34
N PRO C 300 -29.26 16.70 26.46
CA PRO C 300 -28.60 17.61 25.55
C PRO C 300 -29.67 18.42 24.89
N VAL C 301 -30.91 17.94 24.84
CA VAL C 301 -31.96 18.55 24.04
C VAL C 301 -32.84 19.49 24.81
N VAL C 302 -32.94 19.29 26.10
CA VAL C 302 -33.96 20.05 26.84
C VAL C 302 -33.39 20.97 27.90
N GLN C 303 -32.13 20.77 28.30
CA GLN C 303 -31.49 21.60 29.32
C GLN C 303 -31.63 23.14 29.13
N HIS C 304 -31.84 23.64 27.90
CA HIS C 304 -32.02 25.09 27.70
C HIS C 304 -33.46 25.48 27.62
N PHE C 305 -34.35 24.53 27.85
CA PHE C 305 -35.68 24.99 28.27
C PHE C 305 -35.58 25.69 29.62
N TRP C 306 -35.86 26.99 29.66
CA TRP C 306 -35.95 27.66 30.96
C TRP C 306 -37.41 27.94 31.48
N PHE C 307 -37.55 27.87 32.79
CA PHE C 307 -38.86 27.99 33.41
C PHE C 307 -39.02 29.30 34.14
N GLY C 308 -40.13 29.94 33.81
CA GLY C 308 -40.63 31.05 34.54
C GLY C 308 -41.69 30.55 35.49
N THR C 309 -42.58 31.47 35.84
CA THR C 309 -43.58 31.24 36.86
C THR C 309 -44.90 31.49 36.20
N GLY C 310 -44.85 31.99 34.96
CA GLY C 310 -46.04 32.36 34.25
C GLY C 310 -46.47 31.22 33.38
N PHE C 311 -45.82 31.07 32.23
CA PHE C 311 -46.18 30.04 31.23
C PHE C 311 -45.84 28.59 31.50
N PHE C 312 -44.61 28.28 31.91
CA PHE C 312 -44.06 26.88 31.99
C PHE C 312 -43.29 26.70 33.30
N PRO C 313 -44.03 26.69 34.42
CA PRO C 313 -43.50 26.55 35.79
C PRO C 313 -42.87 25.19 36.07
N TRP C 314 -41.83 25.22 36.90
CA TRP C 314 -41.16 24.04 37.45
C TRP C 314 -41.87 23.60 38.76
N VAL C 315 -43.19 23.37 38.73
CA VAL C 315 -43.94 22.82 39.89
C VAL C 315 -44.40 21.43 39.55
N ASN C 316 -44.72 20.63 40.57
CA ASN C 316 -44.92 19.20 40.40
C ASN C 316 -46.30 18.66 39.90
N ILE C 317 -46.44 17.33 39.80
CA ILE C 317 -47.76 16.59 39.82
C ILE C 317 -47.61 15.15 40.39
N SER D 2 14.62 -48.86 -28.87
CA SER D 2 14.30 -47.73 -29.79
C SER D 2 13.97 -46.44 -29.00
N LEU D 3 13.85 -45.30 -29.66
CA LEU D 3 13.60 -44.07 -28.94
C LEU D 3 12.18 -44.03 -28.30
N ASP D 4 11.24 -44.76 -28.88
CA ASP D 4 9.80 -44.55 -28.53
C ASP D 4 9.42 -45.00 -27.13
N ARG D 5 9.71 -46.25 -26.82
CA ARG D 5 9.29 -46.83 -25.58
C ARG D 5 10.36 -47.73 -24.97
N VAL D 6 10.14 -48.12 -23.72
CA VAL D 6 11.02 -48.98 -22.91
C VAL D 6 10.46 -50.42 -22.86
N ASP D 7 11.34 -51.42 -22.89
CA ASP D 7 10.99 -52.90 -22.95
C ASP D 7 10.09 -53.60 -21.85
N TRP D 8 9.49 -52.86 -20.90
CA TRP D 8 8.91 -53.44 -19.65
C TRP D 8 8.07 -54.75 -19.87
N PRO D 9 8.28 -55.85 -19.05
CA PRO D 9 9.21 -56.07 -17.90
C PRO D 9 10.68 -56.10 -18.32
N HIS D 10 10.96 -56.95 -19.32
CA HIS D 10 12.28 -57.47 -19.57
C HIS D 10 13.40 -56.57 -20.07
N ALA D 11 13.88 -55.69 -19.17
CA ALA D 11 15.03 -54.76 -19.34
C ALA D 11 15.09 -54.04 -17.98
N THR D 12 16.28 -53.96 -17.36
CA THR D 12 16.32 -53.68 -15.90
C THR D 12 16.53 -52.24 -15.56
N PHE D 13 16.28 -51.94 -14.29
CA PHE D 13 16.15 -50.54 -13.83
C PHE D 13 17.00 -50.21 -12.67
N SER D 14 18.14 -49.58 -12.92
CA SER D 14 19.08 -49.25 -11.84
C SER D 14 18.93 -47.80 -11.41
N THR D 15 19.47 -47.45 -10.25
CA THR D 15 19.55 -46.08 -9.80
C THR D 15 20.51 -45.37 -10.72
N PRO D 16 20.10 -44.20 -11.29
CA PRO D 16 20.94 -43.51 -12.26
C PRO D 16 22.17 -43.10 -11.50
N VAL D 17 23.28 -42.88 -12.16
CA VAL D 17 24.42 -42.39 -11.43
C VAL D 17 25.49 -41.86 -12.29
N LYS D 18 25.28 -40.65 -12.80
CA LYS D 18 26.36 -39.69 -12.96
C LYS D 18 27.40 -40.14 -13.95
N ARG D 19 27.25 -39.76 -15.20
CA ARG D 19 28.22 -40.17 -16.17
C ARG D 19 28.96 -39.04 -16.86
N ILE D 20 28.46 -37.80 -16.79
CA ILE D 20 29.19 -36.70 -17.43
C ILE D 20 30.18 -35.92 -16.53
N PHE D 21 31.48 -36.15 -16.77
CA PHE D 21 32.61 -35.51 -16.00
C PHE D 21 33.36 -34.34 -16.72
N ASP D 22 34.34 -34.60 -17.60
CA ASP D 22 34.95 -33.56 -18.49
C ASP D 22 34.08 -33.14 -19.73
N THR D 23 34.63 -32.21 -20.53
CA THR D 23 34.31 -31.95 -21.95
C THR D 23 34.06 -33.20 -22.77
N GLN D 24 35.00 -34.12 -22.64
CA GLN D 24 35.05 -35.34 -23.44
C GLN D 24 33.82 -36.13 -23.31
N THR D 25 33.54 -36.45 -22.07
CA THR D 25 32.41 -37.28 -21.73
C THR D 25 31.07 -36.57 -22.05
N THR D 26 31.13 -35.24 -22.20
CA THR D 26 30.04 -34.44 -22.86
C THR D 26 30.02 -34.71 -24.37
N LEU D 27 31.16 -35.02 -24.96
CA LEU D 27 31.05 -35.45 -26.32
C LEU D 27 30.45 -36.85 -26.47
N ASP D 28 30.68 -37.73 -25.50
CA ASP D 28 30.09 -39.09 -25.62
C ASP D 28 28.60 -39.08 -25.35
N PHE D 29 28.17 -38.12 -24.55
CA PHE D 29 26.77 -37.91 -24.32
C PHE D 29 25.97 -37.74 -25.61
N GLN D 30 26.56 -37.19 -26.65
CA GLN D 30 25.84 -37.04 -27.93
C GLN D 30 25.52 -38.39 -28.66
N SER D 31 26.36 -39.41 -28.59
CA SER D 31 25.98 -40.66 -29.27
C SER D 31 25.17 -41.66 -28.42
N SER D 32 24.82 -41.23 -27.22
CA SER D 32 24.11 -42.04 -26.24
C SER D 32 22.66 -42.09 -26.61
N LEU D 33 21.95 -43.09 -26.09
CA LEU D 33 20.53 -43.25 -26.33
C LEU D 33 19.91 -42.14 -25.60
N ALA D 34 20.37 -41.96 -24.38
CA ALA D 34 19.65 -41.10 -23.49
C ALA D 34 19.36 -39.78 -24.25
N ILE D 35 20.34 -39.32 -25.02
CA ILE D 35 20.14 -38.04 -25.70
C ILE D 35 19.05 -38.10 -26.79
N HIS D 36 19.14 -39.06 -27.70
CA HIS D 36 18.06 -39.32 -28.70
C HIS D 36 16.67 -39.47 -28.04
N ARG D 37 16.49 -40.42 -27.11
CA ARG D 37 15.27 -40.40 -26.27
C ARG D 37 14.96 -39.09 -25.62
N ILE D 38 15.96 -38.31 -25.22
CA ILE D 38 15.63 -36.93 -24.85
C ILE D 38 15.14 -36.04 -26.02
N LYS D 39 15.94 -35.96 -27.11
CA LYS D 39 15.55 -35.17 -28.28
C LYS D 39 14.16 -35.57 -28.78
N TYR D 40 13.95 -36.87 -28.92
CA TYR D 40 12.67 -37.42 -29.34
C TYR D 40 11.41 -36.95 -28.60
N HIS D 41 11.46 -36.90 -27.29
CA HIS D 41 10.25 -36.46 -26.60
C HIS D 41 10.16 -34.95 -26.68
N LEU D 42 11.32 -34.33 -26.90
CA LEU D 42 11.39 -32.91 -27.06
C LEU D 42 10.66 -32.56 -28.29
N HIS D 43 11.00 -33.22 -29.39
CA HIS D 43 10.26 -32.95 -30.62
C HIS D 43 8.73 -33.20 -30.41
N LYS D 44 8.40 -34.24 -29.64
CA LYS D 44 7.03 -34.71 -29.57
C LYS D 44 6.16 -33.74 -28.85
N TYR D 45 6.67 -33.28 -27.72
CA TYR D 45 5.86 -32.38 -26.95
C TYR D 45 5.84 -31.05 -27.63
N THR D 46 6.83 -30.79 -28.51
CA THR D 46 6.82 -29.54 -29.22
C THR D 46 5.83 -29.56 -30.36
N THR D 47 5.59 -30.72 -30.99
CA THR D 47 4.65 -30.71 -32.11
C THR D 47 3.26 -30.74 -31.53
N LEU D 48 3.11 -31.61 -30.52
CA LEU D 48 1.85 -31.84 -29.82
C LEU D 48 1.31 -30.52 -29.29
N ILE D 49 2.20 -29.68 -28.78
CA ILE D 49 1.67 -28.48 -28.23
C ILE D 49 1.32 -27.45 -29.30
N SER D 50 1.85 -27.57 -30.52
CA SER D 50 1.49 -26.55 -31.49
C SER D 50 0.05 -26.77 -31.89
N HIS D 51 -0.58 -27.80 -31.32
CA HIS D 51 -1.93 -28.15 -31.68
C HIS D 51 -2.81 -27.37 -30.76
N CYS D 52 -2.22 -26.89 -29.68
CA CYS D 52 -2.94 -26.28 -28.59
C CYS D 52 -2.56 -24.80 -28.43
N SER D 53 -2.94 -23.93 -29.38
CA SER D 53 -2.89 -22.48 -29.21
C SER D 53 -3.83 -21.93 -28.11
N ASP D 54 -4.96 -22.58 -27.89
CA ASP D 54 -5.94 -21.93 -27.05
C ASP D 54 -6.44 -22.80 -25.90
N PRO D 55 -5.51 -23.23 -25.00
CA PRO D 55 -5.69 -24.24 -23.92
C PRO D 55 -6.68 -23.74 -22.88
N ASP D 56 -7.31 -24.66 -22.13
CA ASP D 56 -8.27 -24.13 -21.16
C ASP D 56 -7.60 -23.74 -19.89
N PRO D 57 -7.44 -22.42 -19.68
CA PRO D 57 -6.69 -21.98 -18.50
C PRO D 57 -7.26 -22.65 -17.19
N HIS D 58 -8.55 -23.02 -17.12
CA HIS D 58 -9.10 -23.60 -15.91
C HIS D 58 -9.17 -25.10 -16.02
N ALA D 59 -8.44 -25.73 -16.92
CA ALA D 59 -8.58 -27.19 -17.00
C ALA D 59 -8.19 -27.82 -15.63
N THR D 60 -8.58 -29.05 -15.38
CA THR D 60 -8.20 -29.67 -14.14
C THR D 60 -7.70 -31.07 -14.37
N ALA D 61 -8.43 -31.81 -15.19
CA ALA D 61 -8.06 -33.20 -15.41
C ALA D 61 -7.70 -33.47 -16.86
N SER D 62 -6.76 -34.36 -17.12
CA SER D 62 -6.65 -34.86 -18.47
C SER D 62 -7.73 -35.87 -18.62
N SER D 63 -7.87 -36.50 -19.78
CA SER D 63 -8.60 -37.77 -19.74
C SER D 63 -7.69 -38.95 -19.92
N ILE D 64 -6.39 -38.70 -19.78
CA ILE D 64 -5.38 -39.74 -19.74
C ILE D 64 -4.91 -39.99 -18.31
N ALA D 65 -5.71 -40.70 -17.52
CA ALA D 65 -5.31 -41.23 -16.19
C ALA D 65 -3.99 -40.74 -15.63
N MET D 66 -2.92 -41.27 -16.20
CA MET D 66 -1.60 -40.99 -15.75
C MET D 66 -1.17 -39.53 -15.90
N VAL D 67 -1.80 -38.69 -16.73
CA VAL D 67 -1.38 -37.28 -16.66
C VAL D 67 -1.96 -36.68 -15.42
N ASN D 68 -3.18 -37.07 -15.08
CA ASN D 68 -3.70 -36.80 -13.73
C ASN D 68 -2.91 -37.32 -12.55
N GLY D 69 -2.44 -38.56 -12.60
CA GLY D 69 -1.55 -39.09 -11.56
C GLY D 69 -0.31 -38.23 -11.30
N LEU D 70 0.34 -37.74 -12.35
CA LEU D 70 1.51 -36.93 -12.17
C LEU D 70 1.17 -35.58 -11.54
N MET D 71 0.06 -34.96 -11.95
CA MET D 71 -0.51 -33.81 -11.25
C MET D 71 -0.71 -34.10 -9.77
N GLY D 72 -1.26 -35.27 -9.45
CA GLY D 72 -1.44 -35.69 -8.06
C GLY D 72 -0.17 -35.44 -7.26
N VAL D 73 0.92 -35.96 -7.77
CA VAL D 73 2.18 -35.80 -7.11
C VAL D 73 2.67 -34.36 -7.13
N LEU D 74 2.68 -33.72 -8.32
CA LEU D 74 3.15 -32.35 -8.41
C LEU D 74 2.53 -31.54 -7.33
N ASP D 75 1.35 -31.98 -6.90
CA ASP D 75 0.53 -31.22 -6.06
C ASP D 75 0.82 -31.66 -4.66
N LYS D 76 1.27 -32.91 -4.56
CA LYS D 76 1.50 -33.50 -3.26
C LYS D 76 2.68 -32.79 -2.67
N LEU D 77 3.71 -32.59 -3.51
CA LEU D 77 4.89 -31.83 -3.12
C LEU D 77 4.69 -30.30 -3.14
N ALA D 78 3.84 -29.81 -4.06
CA ALA D 78 3.37 -28.44 -3.97
C ALA D 78 2.94 -28.32 -2.54
N HIS D 79 2.07 -29.21 -2.06
CA HIS D 79 1.64 -29.11 -0.69
C HIS D 79 2.81 -29.03 0.32
N LEU D 80 3.95 -29.66 0.02
CA LEU D 80 5.09 -29.61 0.94
C LEU D 80 5.63 -28.20 1.18
N ILE D 81 5.68 -27.37 0.12
CA ILE D 81 6.20 -26.03 0.33
C ILE D 81 5.50 -25.41 1.55
N ASP D 82 4.17 -25.49 1.55
CA ASP D 82 3.37 -24.86 2.62
C ASP D 82 3.80 -25.35 3.99
N GLU D 83 4.27 -26.59 4.09
CA GLU D 83 4.78 -27.09 5.38
C GLU D 83 6.18 -26.55 5.76
N THR D 84 6.92 -26.01 4.78
CA THR D 84 8.30 -25.61 4.98
C THR D 84 8.54 -24.14 4.63
N PRO D 85 8.36 -23.22 5.60
CA PRO D 85 8.63 -21.81 5.29
C PRO D 85 10.16 -21.50 5.06
N PRO D 86 10.49 -20.34 4.43
CA PRO D 86 11.80 -19.66 4.59
C PRO D 86 12.07 -19.01 5.98
N LEU D 87 13.37 -18.76 6.33
CA LEU D 87 13.92 -18.36 7.68
C LEU D 87 12.93 -17.71 8.67
N GLY D 94 20.95 -17.70 -1.05
CA GLY D 94 19.80 -18.66 -0.99
C GLY D 94 19.17 -18.98 0.40
N ASN D 95 18.43 -20.12 0.50
CA ASN D 95 17.67 -20.52 1.77
C ASN D 95 17.97 -21.73 2.69
N LEU D 96 18.48 -21.39 3.87
CA LEU D 96 18.52 -22.31 5.00
C LEU D 96 17.30 -23.36 5.17
N ALA D 97 16.08 -23.07 4.69
CA ALA D 97 14.92 -24.00 4.90
C ALA D 97 14.62 -24.88 3.70
N CYS D 98 15.12 -24.46 2.55
CA CYS D 98 14.91 -25.13 1.28
C CYS D 98 15.52 -26.51 1.19
N ARG D 99 16.70 -26.67 1.79
CA ARG D 99 17.40 -27.96 1.80
C ARG D 99 16.54 -28.97 2.56
N GLU D 100 15.92 -28.51 3.65
CA GLU D 100 14.94 -29.30 4.36
C GLU D 100 13.85 -29.78 3.40
N TRP D 101 13.17 -28.87 2.71
CA TRP D 101 12.17 -29.26 1.73
C TRP D 101 12.51 -30.53 0.92
N HIS D 102 13.72 -30.60 0.36
CA HIS D 102 14.21 -31.81 -0.35
C HIS D 102 14.38 -33.02 0.53
N HIS D 103 15.05 -32.91 1.69
CA HIS D 103 15.06 -34.05 2.63
C HIS D 103 13.66 -34.74 2.58
N LYS D 104 12.58 -33.99 2.83
CA LYS D 104 11.18 -34.50 2.75
C LYS D 104 10.75 -34.88 1.37
N LEU D 105 11.06 -34.11 0.35
CA LEU D 105 10.67 -34.60 -0.97
C LEU D 105 11.34 -35.95 -1.21
N ASP D 106 12.57 -36.09 -0.73
CA ASP D 106 13.35 -37.27 -0.98
C ASP D 106 12.84 -38.37 -0.07
N GLU D 107 12.10 -38.00 0.98
CA GLU D 107 11.51 -38.93 1.99
C GLU D 107 10.14 -39.51 1.60
N ARG D 108 9.21 -38.61 1.25
CA ARG D 108 7.86 -38.94 0.82
C ARG D 108 7.66 -39.28 -0.66
N LEU D 109 8.64 -39.08 -1.53
CA LEU D 109 8.36 -39.28 -2.98
C LEU D 109 8.36 -40.75 -3.44
N PRO D 110 9.37 -41.52 -3.06
CA PRO D 110 9.20 -42.83 -3.62
C PRO D 110 7.82 -43.38 -3.23
N GLN D 111 7.36 -43.07 -2.03
CA GLN D 111 6.04 -43.50 -1.64
C GLN D 111 5.04 -43.10 -2.76
N TRP D 112 4.94 -41.80 -2.98
CA TRP D 112 3.93 -41.26 -3.89
C TRP D 112 3.88 -41.83 -5.32
N LEU D 113 5.05 -42.14 -5.85
CA LEU D 113 5.16 -42.87 -7.07
C LEU D 113 4.81 -44.37 -6.95
N GLN D 114 4.54 -44.92 -5.74
CA GLN D 114 3.86 -46.22 -5.74
C GLN D 114 2.49 -45.84 -6.25
N GLU D 115 1.68 -45.31 -5.34
CA GLU D 115 0.27 -44.94 -5.54
C GLU D 115 0.04 -44.56 -6.98
N MET D 116 0.92 -43.74 -7.55
CA MET D 116 0.78 -43.28 -8.94
C MET D 116 0.77 -44.32 -10.07
N LEU D 117 1.51 -45.43 -9.89
CA LEU D 117 1.63 -46.48 -10.90
C LEU D 117 0.99 -47.80 -10.49
N PRO D 118 0.47 -48.56 -11.46
CA PRO D 118 0.02 -49.94 -11.25
C PRO D 118 1.07 -50.78 -10.49
N SER D 119 0.65 -51.61 -9.55
CA SER D 119 1.64 -52.36 -8.78
C SER D 119 2.76 -52.94 -9.65
N GLU D 120 2.45 -53.37 -10.87
CA GLU D 120 3.44 -54.08 -11.68
C GLU D 120 4.65 -53.21 -11.91
N TYR D 121 4.42 -51.92 -12.04
CA TYR D 121 5.47 -51.03 -12.42
C TYR D 121 6.53 -50.63 -11.37
N HIS D 122 6.25 -50.91 -10.10
CA HIS D 122 7.05 -50.43 -8.94
C HIS D 122 8.60 -50.46 -9.01
N GLU D 123 9.18 -51.18 -9.97
CA GLU D 123 10.62 -51.23 -10.12
C GLU D 123 11.18 -49.99 -10.83
N VAL D 124 10.32 -49.29 -11.53
CA VAL D 124 10.78 -48.20 -12.36
C VAL D 124 11.25 -47.11 -11.43
N VAL D 125 10.59 -47.06 -10.29
CA VAL D 125 10.60 -45.98 -9.31
C VAL D 125 11.98 -45.39 -8.95
N PRO D 126 12.94 -46.24 -8.57
CA PRO D 126 14.17 -45.54 -8.26
C PRO D 126 14.69 -44.77 -9.48
N GLU D 127 14.35 -45.16 -10.70
CA GLU D 127 14.70 -44.23 -11.75
C GLU D 127 13.76 -43.04 -11.72
N LEU D 128 12.46 -43.30 -11.80
CA LEU D 128 11.51 -42.19 -11.82
C LEU D 128 11.74 -41.13 -10.76
N GLN D 129 12.02 -41.49 -9.53
CA GLN D 129 12.24 -40.42 -8.59
C GLN D 129 13.62 -39.82 -8.71
N TYR D 130 14.56 -40.53 -9.36
CA TYR D 130 15.78 -39.81 -9.59
C TYR D 130 15.40 -38.55 -10.35
N TYR D 131 14.67 -38.75 -11.44
CA TYR D 131 14.45 -37.68 -12.40
C TYR D 131 13.41 -36.67 -11.99
N LEU D 132 12.27 -37.13 -11.46
CA LEU D 132 11.26 -36.18 -10.99
C LEU D 132 11.84 -35.41 -9.81
N GLY D 133 12.51 -36.17 -8.95
CA GLY D 133 13.07 -35.67 -7.73
C GLY D 133 14.27 -34.74 -7.85
N ASN D 134 14.63 -34.32 -9.07
CA ASN D 134 15.57 -33.26 -9.16
C ASN D 134 15.13 -32.26 -10.19
N SER D 135 13.90 -32.43 -10.65
CA SER D 135 13.26 -31.42 -11.46
C SER D 135 13.15 -30.04 -10.73
N PHE D 136 13.55 -29.95 -9.48
CA PHE D 136 13.28 -28.76 -8.68
C PHE D 136 14.52 -28.00 -8.21
N GLY D 137 15.71 -28.49 -8.56
CA GLY D 137 16.95 -27.72 -8.42
C GLY D 137 17.70 -28.39 -7.31
N SER D 138 19.04 -28.26 -7.27
CA SER D 138 19.79 -29.09 -6.34
C SER D 138 19.68 -28.57 -4.95
N SER D 139 19.35 -29.52 -4.05
CA SER D 139 19.47 -29.44 -2.60
C SER D 139 20.64 -28.57 -2.13
N THR D 140 21.85 -29.10 -2.32
CA THR D 140 22.97 -28.59 -1.57
C THR D 140 23.37 -27.25 -2.14
N ARG D 141 23.25 -27.11 -3.45
CA ARG D 141 23.80 -25.96 -4.13
C ARG D 141 22.85 -24.76 -4.17
N LEU D 142 21.67 -24.91 -3.57
CA LEU D 142 20.56 -23.93 -3.70
C LEU D 142 20.33 -23.21 -5.12
N ASP D 143 20.47 -23.93 -6.25
CA ASP D 143 20.32 -23.32 -7.58
C ASP D 143 19.17 -23.98 -8.36
N TYR D 144 18.49 -23.26 -9.25
CA TYR D 144 17.66 -23.92 -10.21
C TYR D 144 18.05 -23.45 -11.60
N GLY D 145 18.03 -24.36 -12.57
CA GLY D 145 18.42 -24.04 -13.94
C GLY D 145 17.89 -25.00 -15.01
N THR D 146 18.46 -24.96 -16.21
CA THR D 146 17.78 -25.59 -17.26
C THR D 146 18.03 -27.03 -17.16
N GLY D 147 19.12 -27.39 -16.56
CA GLY D 147 19.37 -28.82 -16.31
C GLY D 147 18.28 -29.52 -15.48
N HIS D 148 17.68 -28.78 -14.54
CA HIS D 148 16.49 -29.21 -13.86
C HIS D 148 15.19 -29.19 -14.68
N GLU D 149 15.03 -28.23 -15.58
CA GLU D 149 13.82 -28.22 -16.39
C GLU D 149 13.93 -29.45 -17.24
N LEU D 150 15.16 -29.82 -17.56
CA LEU D 150 15.46 -30.87 -18.50
C LEU D 150 15.03 -32.11 -17.78
N SER D 151 15.43 -32.18 -16.53
CA SER D 151 14.92 -33.28 -15.72
C SER D 151 13.39 -33.50 -15.68
N PHE D 152 12.60 -32.45 -15.71
CA PHE D 152 11.16 -32.65 -15.63
C PHE D 152 10.74 -33.43 -16.83
N MET D 153 10.97 -32.84 -18.00
CA MET D 153 10.62 -33.47 -19.26
C MET D 153 11.13 -34.88 -19.30
N ALA D 154 12.38 -35.08 -18.93
CA ALA D 154 12.89 -36.44 -18.80
C ALA D 154 11.90 -37.36 -18.03
N THR D 155 11.47 -36.93 -16.83
CA THR D 155 10.46 -37.62 -16.05
C THR D 155 9.24 -37.82 -16.93
N VAL D 156 8.79 -36.77 -17.61
CA VAL D 156 7.64 -37.09 -18.42
C VAL D 156 7.93 -38.07 -19.58
N ALA D 157 9.09 -37.94 -20.22
CA ALA D 157 9.38 -38.85 -21.32
C ALA D 157 9.53 -40.27 -20.73
N ALA D 158 9.89 -40.33 -19.45
CA ALA D 158 10.03 -41.61 -18.83
C ALA D 158 8.66 -42.24 -18.94
N LEU D 159 7.70 -41.58 -18.29
CA LEU D 159 6.38 -42.14 -18.15
C LEU D 159 5.83 -42.54 -19.47
N ASP D 160 6.16 -41.70 -20.43
CA ASP D 160 5.75 -41.86 -21.78
C ASP D 160 6.23 -43.20 -22.31
N MET D 161 7.54 -43.49 -22.18
CA MET D 161 8.09 -44.80 -22.54
C MET D 161 7.47 -46.09 -21.86
N LEU D 162 6.53 -45.95 -20.95
CA LEU D 162 5.80 -47.11 -20.48
C LEU D 162 4.40 -47.15 -21.09
N GLY D 163 4.19 -46.34 -22.11
CA GLY D 163 2.86 -46.07 -22.59
C GLY D 163 1.88 -45.52 -21.57
N MET D 164 2.32 -44.86 -20.52
CA MET D 164 1.37 -44.34 -19.55
C MET D 164 0.57 -43.18 -20.11
N PHE D 165 0.95 -42.71 -21.30
CA PHE D 165 0.23 -41.63 -22.00
C PHE D 165 -0.22 -41.93 -23.46
N PRO D 166 -1.19 -42.86 -23.69
CA PRO D 166 -1.54 -43.16 -25.11
C PRO D 166 -2.31 -42.00 -25.77
N HIS D 167 -2.13 -41.78 -27.09
CA HIS D 167 -2.68 -40.58 -27.79
C HIS D 167 -2.74 -39.39 -26.83
N MET D 168 -1.58 -38.93 -26.41
CA MET D 168 -1.55 -37.75 -25.59
C MET D 168 -1.64 -36.59 -26.52
N ARG D 169 -2.52 -35.65 -26.16
CA ARG D 169 -2.69 -34.41 -26.90
C ARG D 169 -1.89 -33.24 -26.35
N GLY D 170 -1.85 -32.16 -27.12
CA GLY D 170 -1.02 -30.99 -26.79
C GLY D 170 -1.49 -30.39 -25.51
N ALA D 171 -2.79 -30.29 -25.39
CA ALA D 171 -3.49 -29.98 -24.11
C ALA D 171 -2.90 -30.70 -22.90
N ASP D 172 -2.63 -32.00 -23.00
CA ASP D 172 -1.99 -32.76 -21.91
C ASP D 172 -0.55 -32.35 -21.67
N VAL D 173 0.20 -31.88 -22.69
CA VAL D 173 1.49 -31.31 -22.36
C VAL D 173 1.29 -29.96 -21.74
N PHE D 174 0.22 -29.25 -22.04
CA PHE D 174 0.30 -27.87 -21.57
C PHE D 174 -0.12 -27.84 -20.12
N LEU D 175 -1.05 -28.70 -19.80
CA LEU D 175 -1.53 -28.90 -18.45
C LEU D 175 -0.44 -29.30 -17.46
N LEU D 176 0.52 -30.05 -17.97
CA LEU D 176 1.45 -30.72 -17.07
C LEU D 176 2.52 -29.68 -16.77
N PHE D 177 3.26 -29.31 -17.81
CA PHE D 177 4.26 -28.30 -17.69
C PHE D 177 3.72 -27.04 -17.06
N ASN D 178 2.52 -26.69 -17.42
CA ASN D 178 1.95 -25.54 -16.80
C ASN D 178 1.97 -25.55 -15.27
N LYS D 179 1.52 -26.66 -14.69
CA LYS D 179 1.49 -26.84 -13.28
C LYS D 179 2.89 -26.84 -12.72
N TYR D 180 3.77 -27.44 -13.49
CA TYR D 180 5.06 -27.66 -13.02
C TYR D 180 5.75 -26.36 -12.91
N TYR D 181 5.53 -25.49 -13.90
CA TYR D 181 6.06 -24.14 -13.80
C TYR D 181 5.38 -23.41 -12.68
N THR D 182 4.08 -23.38 -12.66
CA THR D 182 3.45 -22.66 -11.58
C THR D 182 4.17 -22.97 -10.28
N ILE D 183 4.52 -24.23 -10.08
CA ILE D 183 5.24 -24.63 -8.86
C ILE D 183 6.65 -23.98 -8.78
N MET D 184 7.35 -23.91 -9.95
CA MET D 184 8.70 -23.46 -9.95
C MET D 184 8.79 -21.98 -9.71
N ARG D 185 7.94 -21.21 -10.38
CA ARG D 185 7.91 -19.78 -10.11
C ARG D 185 7.81 -19.60 -8.58
N ARG D 186 7.08 -20.47 -7.88
CA ARG D 186 7.09 -20.37 -6.43
C ARG D 186 8.40 -20.74 -5.75
N LEU D 187 8.97 -21.90 -6.06
CA LEU D 187 10.16 -22.28 -5.34
C LEU D 187 11.17 -21.15 -5.48
N ILE D 188 11.38 -20.74 -6.72
CA ILE D 188 12.37 -19.74 -6.99
C ILE D 188 12.20 -18.53 -6.08
N LEU D 189 11.04 -17.89 -6.11
CA LEU D 189 10.81 -16.76 -5.21
C LEU D 189 10.76 -17.12 -3.70
N THR D 190 10.27 -18.30 -3.33
CA THR D 190 10.11 -18.54 -1.87
C THR D 190 11.46 -18.88 -1.26
N TYR D 191 12.31 -19.51 -2.05
CA TYR D 191 13.66 -19.86 -1.61
C TYR D 191 14.82 -18.88 -1.99
N THR D 192 14.65 -18.16 -3.13
CA THR D 192 15.70 -17.30 -3.58
C THR D 192 16.62 -18.37 -4.09
N LEU D 193 16.17 -19.11 -5.09
CA LEU D 193 17.07 -20.07 -5.72
C LEU D 193 17.90 -19.34 -6.77
N GLU D 194 19.20 -19.57 -6.75
CA GLU D 194 20.10 -18.76 -7.58
C GLU D 194 19.91 -19.36 -8.98
N PRO D 195 20.40 -18.72 -10.05
CA PRO D 195 20.42 -19.43 -11.33
C PRO D 195 21.43 -20.60 -11.34
N ALA D 196 21.02 -21.76 -11.84
CA ALA D 196 21.96 -22.92 -11.92
C ALA D 196 22.53 -23.14 -13.28
N GLY D 197 23.84 -22.91 -13.45
CA GLY D 197 24.53 -23.26 -14.70
C GLY D 197 24.17 -22.31 -15.80
N SER D 198 24.14 -21.00 -15.49
CA SER D 198 23.58 -20.05 -16.47
C SER D 198 24.66 -19.57 -17.42
N HIS D 199 24.25 -18.93 -18.51
CA HIS D 199 25.14 -18.20 -19.42
C HIS D 199 25.07 -16.72 -19.10
N GLY D 200 24.35 -16.34 -18.07
CA GLY D 200 24.25 -14.93 -17.74
C GLY D 200 23.43 -14.18 -18.75
N VAL D 201 23.82 -12.96 -18.96
CA VAL D 201 23.10 -12.09 -19.80
C VAL D 201 23.25 -12.62 -21.24
N TRP D 202 23.87 -13.79 -21.36
CA TRP D 202 24.41 -14.30 -22.65
C TRP D 202 23.71 -15.55 -23.03
N GLY D 203 22.82 -16.05 -22.16
CA GLY D 203 22.01 -17.23 -22.45
C GLY D 203 20.56 -16.80 -22.52
N LEU D 204 19.68 -17.68 -22.94
CA LEU D 204 18.35 -17.18 -23.26
C LEU D 204 17.61 -16.58 -22.07
N ASP D 205 17.46 -17.31 -20.97
CA ASP D 205 16.70 -16.86 -19.81
C ASP D 205 17.48 -17.37 -18.61
N ASP D 206 17.32 -16.72 -17.47
CA ASP D 206 18.09 -17.11 -16.29
C ASP D 206 18.00 -18.59 -15.98
N HIS D 207 16.82 -19.16 -16.21
CA HIS D 207 16.39 -20.34 -15.46
C HIS D 207 15.79 -21.46 -16.34
N PHE D 208 15.17 -21.09 -17.47
CA PHE D 208 14.20 -21.95 -18.20
C PHE D 208 14.49 -21.82 -19.63
N HIS D 209 14.31 -22.89 -20.43
CA HIS D 209 14.47 -22.78 -21.88
C HIS D 209 13.23 -23.45 -22.49
N LEU D 210 12.95 -24.68 -22.09
CA LEU D 210 11.85 -25.38 -22.63
C LEU D 210 10.56 -24.57 -22.70
N VAL D 211 10.27 -23.75 -21.66
CA VAL D 211 9.07 -22.91 -21.74
C VAL D 211 9.13 -22.18 -23.06
N TYR D 212 10.18 -21.46 -23.35
CA TYR D 212 10.11 -20.69 -24.61
C TYR D 212 9.98 -21.51 -25.83
N ILE D 213 10.46 -22.76 -25.81
CA ILE D 213 10.14 -23.63 -26.94
C ILE D 213 8.60 -23.91 -27.03
N LEU D 214 8.04 -24.52 -25.99
CA LEU D 214 6.61 -24.75 -25.86
C LEU D 214 5.74 -23.52 -26.19
N GLY D 215 6.17 -22.40 -25.64
CA GLY D 215 5.53 -21.11 -25.81
C GLY D 215 5.39 -20.67 -27.23
N SER D 216 6.52 -20.57 -27.94
CA SER D 216 6.48 -20.20 -29.35
C SER D 216 5.76 -21.28 -30.16
N SER D 217 5.92 -22.55 -29.79
CA SER D 217 5.32 -23.65 -30.57
C SER D 217 3.81 -23.49 -30.64
N GLN D 218 3.21 -23.31 -29.47
CA GLN D 218 1.84 -23.05 -29.26
C GLN D 218 1.23 -22.08 -30.27
N TRP D 219 2.01 -21.16 -30.83
CA TRP D 219 1.52 -20.14 -31.77
C TRP D 219 2.17 -20.32 -33.10
N GLN D 220 3.02 -21.32 -33.19
CA GLN D 220 3.68 -21.56 -34.46
C GLN D 220 2.72 -21.77 -35.62
N LEU D 221 1.74 -22.64 -35.46
CA LEU D 221 0.85 -22.89 -36.59
C LEU D 221 0.08 -21.66 -37.04
N LEU D 222 -0.50 -20.89 -36.12
CA LEU D 222 -1.21 -19.67 -36.55
C LEU D 222 -0.38 -18.43 -36.89
N ASP D 223 0.93 -18.43 -36.59
CA ASP D 223 1.74 -17.18 -36.53
C ASP D 223 1.17 -15.92 -37.13
N ALA D 224 1.29 -15.68 -38.42
CA ALA D 224 0.47 -14.66 -39.04
C ALA D 224 -0.79 -14.30 -38.18
N GLN D 225 -1.56 -15.29 -37.78
CA GLN D 225 -2.85 -15.04 -37.24
C GLN D 225 -2.95 -15.44 -35.72
N ALA D 226 -1.80 -15.56 -35.09
CA ALA D 226 -1.67 -15.78 -33.66
C ALA D 226 -1.96 -14.50 -32.88
N PRO D 227 -2.61 -14.60 -31.70
CA PRO D 227 -3.01 -13.36 -31.03
C PRO D 227 -1.89 -12.35 -30.76
N LEU D 228 -0.70 -12.76 -30.34
CA LEU D 228 0.45 -11.83 -30.30
C LEU D 228 1.46 -12.15 -31.41
N GLN D 229 2.11 -11.13 -31.94
CA GLN D 229 3.23 -11.39 -32.81
C GLN D 229 4.52 -11.39 -31.95
N PRO D 230 5.63 -11.96 -32.43
CA PRO D 230 6.73 -12.01 -31.45
C PRO D 230 7.28 -10.67 -30.98
N ARG D 231 7.28 -9.63 -31.84
CA ARG D 231 7.76 -8.34 -31.33
C ARG D 231 6.89 -7.87 -30.18
N GLU D 232 5.81 -8.56 -29.90
CA GLU D 232 4.92 -7.95 -28.96
C GLU D 232 5.11 -8.40 -27.55
N ILE D 233 6.07 -9.28 -27.30
CA ILE D 233 6.41 -9.60 -25.91
C ILE D 233 7.09 -8.41 -25.21
N LEU D 234 7.57 -7.50 -26.04
CA LEU D 234 8.01 -6.22 -25.54
C LEU D 234 6.91 -5.35 -24.87
N ASP D 235 5.64 -5.74 -24.97
CA ASP D 235 4.59 -4.97 -24.33
C ASP D 235 4.06 -5.68 -23.09
N LYS D 236 4.34 -5.12 -21.93
CA LYS D 236 3.87 -5.71 -20.68
C LYS D 236 2.37 -6.03 -20.65
N SER D 237 1.52 -5.03 -20.85
CA SER D 237 0.05 -5.26 -21.01
C SER D 237 -0.34 -6.56 -21.69
N LEU D 238 0.19 -6.78 -22.87
CA LEU D 238 -0.25 -7.89 -23.70
C LEU D 238 0.19 -9.17 -23.12
N VAL D 239 1.50 -9.20 -22.85
CA VAL D 239 2.14 -10.36 -22.29
C VAL D 239 1.29 -10.84 -21.14
N ARG D 240 0.84 -9.91 -20.29
CA ARG D 240 -0.03 -10.21 -19.15
C ARG D 240 -1.32 -10.96 -19.60
N GLU D 241 -1.98 -10.50 -20.65
CA GLU D 241 -3.26 -11.14 -21.03
C GLU D 241 -2.98 -12.63 -21.28
N TYR D 242 -1.93 -12.94 -22.05
CA TYR D 242 -1.74 -14.29 -22.56
C TYR D 242 -0.94 -15.15 -21.67
N LYS D 243 -0.32 -14.51 -20.68
CA LYS D 243 0.31 -15.17 -19.52
C LYS D 243 -0.38 -16.44 -19.02
N ASP D 244 -1.69 -16.53 -19.03
CA ASP D 244 -2.31 -17.77 -18.56
C ASP D 244 -2.35 -18.92 -19.57
N THR D 245 -1.98 -18.66 -20.80
CA THR D 245 -2.54 -19.44 -21.86
C THR D 245 -1.51 -19.80 -22.92
N ASN D 246 -0.33 -19.21 -22.74
CA ASN D 246 0.74 -19.33 -23.65
C ASN D 246 2.04 -19.29 -22.86
N PHE D 247 2.92 -20.25 -23.09
CA PHE D 247 4.14 -20.26 -22.31
C PHE D 247 5.15 -19.15 -22.52
N TYR D 248 5.29 -18.67 -23.73
CA TYR D 248 6.27 -17.66 -24.00
C TYR D 248 5.90 -16.45 -23.15
N CYS D 249 4.62 -16.12 -23.11
CA CYS D 249 4.16 -15.03 -22.24
C CYS D 249 4.41 -15.31 -20.78
N GLN D 250 4.09 -16.49 -20.27
CA GLN D 250 4.36 -16.76 -18.86
C GLN D 250 5.81 -16.52 -18.55
N GLY D 251 6.66 -17.06 -19.40
CA GLY D 251 8.08 -16.85 -19.31
C GLY D 251 8.33 -15.39 -19.25
N ILE D 252 8.16 -14.74 -20.40
CA ILE D 252 8.38 -13.30 -20.46
C ILE D 252 7.79 -12.50 -19.27
N ASN D 253 6.62 -12.89 -18.77
CA ASN D 253 5.86 -12.08 -17.78
C ASN D 253 6.56 -12.13 -16.41
N PHE D 254 7.15 -13.28 -16.19
CA PHE D 254 7.84 -13.60 -14.99
C PHE D 254 9.17 -12.81 -14.99
N ILE D 255 9.89 -12.79 -16.10
CA ILE D 255 10.97 -11.83 -16.17
C ILE D 255 10.45 -10.44 -15.78
N ASN D 256 9.33 -9.99 -16.33
CA ASN D 256 8.87 -8.68 -15.93
C ASN D 256 8.58 -8.55 -14.44
N GLU D 257 8.19 -9.65 -13.79
CA GLU D 257 7.82 -9.61 -12.37
C GLU D 257 9.00 -9.23 -11.50
N VAL D 258 10.16 -9.42 -12.04
CA VAL D 258 11.28 -9.80 -11.24
C VAL D 258 12.61 -9.08 -11.58
N LYS D 259 13.01 -9.04 -12.86
CA LYS D 259 14.05 -8.13 -13.31
C LYS D 259 13.60 -6.64 -13.50
N MET D 260 14.29 -5.73 -12.84
CA MET D 260 13.89 -4.37 -12.72
C MET D 260 14.32 -3.45 -13.83
N GLY D 261 14.98 -3.99 -14.85
CA GLY D 261 15.60 -3.09 -15.88
C GLY D 261 14.69 -2.28 -16.84
N PRO D 262 15.23 -1.83 -18.00
CA PRO D 262 14.49 -1.88 -19.19
C PRO D 262 14.66 -3.28 -19.69
N PHE D 263 13.58 -3.94 -20.07
CA PHE D 263 13.69 -5.32 -20.65
C PHE D 263 14.89 -5.50 -21.55
N GLU D 264 15.06 -4.54 -22.46
CA GLU D 264 16.10 -4.61 -23.44
C GLU D 264 17.49 -4.85 -22.83
N GLU D 265 17.81 -4.12 -21.75
CA GLU D 265 19.11 -4.22 -21.11
C GLU D 265 19.38 -5.51 -20.38
N HIS D 266 18.39 -6.08 -19.68
CA HIS D 266 18.58 -7.32 -18.83
C HIS D 266 18.30 -8.74 -19.46
N SER D 267 17.49 -8.77 -20.50
CA SER D 267 17.24 -10.00 -21.23
C SER D 267 17.44 -9.55 -22.61
N PRO D 268 18.70 -9.30 -23.01
CA PRO D 268 19.00 -8.97 -24.36
C PRO D 268 18.75 -10.05 -25.40
N ILE D 269 18.85 -11.33 -25.12
CA ILE D 269 18.68 -12.33 -26.18
C ILE D 269 17.17 -12.48 -26.52
N LEU D 270 16.32 -12.75 -25.54
CA LEU D 270 14.90 -12.60 -25.82
C LEU D 270 14.64 -11.32 -26.65
N TYR D 271 15.09 -10.16 -26.17
CA TYR D 271 14.89 -8.91 -26.91
C TYR D 271 15.19 -9.00 -28.41
N ASP D 272 16.45 -9.34 -28.67
CA ASP D 272 16.88 -9.70 -29.96
C ASP D 272 15.94 -10.63 -30.69
N ILE D 273 15.54 -11.77 -30.11
CA ILE D 273 14.61 -12.65 -30.83
C ILE D 273 13.35 -11.88 -31.18
N ALA D 274 12.76 -11.36 -30.14
CA ALA D 274 11.65 -10.45 -30.17
C ALA D 274 11.79 -9.49 -31.28
N VAL D 275 12.90 -8.82 -31.41
CA VAL D 275 12.81 -7.64 -32.28
C VAL D 275 13.32 -7.93 -33.72
N THR D 276 13.47 -9.21 -34.05
CA THR D 276 14.28 -9.67 -35.18
C THR D 276 13.67 -10.76 -36.00
N VAL D 277 13.19 -11.81 -35.31
CA VAL D 277 12.57 -13.01 -35.90
C VAL D 277 11.08 -12.70 -36.14
N PRO D 278 10.65 -12.73 -37.42
CA PRO D 278 9.25 -12.42 -37.78
C PRO D 278 8.15 -13.41 -37.27
N ARG D 279 8.24 -14.74 -37.54
CA ARG D 279 7.15 -15.75 -37.29
C ARG D 279 7.45 -16.55 -36.06
N TRP D 280 6.41 -16.91 -35.28
CA TRP D 280 6.62 -17.74 -34.07
C TRP D 280 7.23 -19.06 -34.45
N SER D 281 6.89 -19.53 -35.64
CA SER D 281 7.41 -20.80 -36.16
C SER D 281 8.91 -20.74 -36.34
N LYS D 282 9.47 -19.63 -36.85
CA LYS D 282 10.97 -19.51 -36.81
C LYS D 282 11.61 -19.31 -35.43
N VAL D 283 11.04 -18.44 -34.59
CA VAL D 283 11.40 -18.41 -33.18
C VAL D 283 11.57 -19.82 -32.69
N CYS D 284 10.53 -20.65 -32.85
CA CYS D 284 10.64 -22.07 -32.49
C CYS D 284 11.78 -22.89 -33.12
N LYS D 285 12.00 -22.77 -34.44
CA LYS D 285 13.02 -23.54 -35.16
C LYS D 285 14.37 -23.19 -34.48
N GLY D 286 14.54 -21.87 -34.23
CA GLY D 286 15.71 -21.27 -33.63
C GLY D 286 15.90 -21.66 -32.18
N LEU D 287 14.82 -21.63 -31.37
CA LEU D 287 14.97 -22.03 -29.97
C LEU D 287 15.32 -23.49 -29.79
N LEU D 288 14.91 -24.33 -30.76
CA LEU D 288 15.28 -25.75 -30.82
C LEU D 288 16.76 -25.91 -31.11
N LYS D 289 17.27 -25.32 -32.23
CA LYS D 289 18.71 -25.31 -32.53
C LYS D 289 19.58 -24.83 -31.33
N MET D 290 19.06 -23.84 -30.59
CA MET D 290 19.70 -23.37 -29.37
C MET D 290 19.54 -24.33 -28.20
N TYR D 291 18.37 -24.88 -27.96
CA TYR D 291 18.30 -25.78 -26.83
C TYR D 291 19.36 -26.84 -26.94
N SER D 292 19.89 -27.11 -28.11
CA SER D 292 20.75 -28.26 -28.06
C SER D 292 22.20 -27.99 -28.20
N VAL D 293 22.56 -26.74 -28.53
CA VAL D 293 23.93 -26.25 -28.25
C VAL D 293 23.92 -25.81 -26.79
N GLU D 294 23.37 -24.62 -26.59
CA GLU D 294 23.25 -23.98 -25.27
C GLU D 294 22.79 -24.85 -24.05
N VAL D 295 21.95 -25.87 -24.25
CA VAL D 295 21.77 -26.82 -23.14
C VAL D 295 22.36 -28.26 -23.27
N LEU D 296 22.05 -29.03 -24.31
CA LEU D 296 22.48 -30.42 -24.31
C LEU D 296 23.96 -30.66 -24.64
N LYS D 297 24.69 -29.60 -25.03
CA LYS D 297 26.13 -29.69 -25.44
C LYS D 297 27.00 -29.00 -24.41
N LYS D 298 26.34 -28.53 -23.36
CA LYS D 298 27.08 -27.80 -22.40
C LYS D 298 27.12 -28.38 -21.00
N PHE D 299 28.33 -28.84 -20.73
CA PHE D 299 28.71 -29.50 -19.50
C PHE D 299 28.10 -28.91 -18.27
N PRO D 300 28.27 -27.59 -18.02
CA PRO D 300 27.70 -26.99 -16.81
C PRO D 300 26.25 -27.31 -16.60
N VAL D 301 25.47 -27.39 -17.70
CA VAL D 301 24.04 -27.63 -17.62
C VAL D 301 23.82 -29.10 -17.44
N VAL D 302 24.57 -29.93 -18.17
CA VAL D 302 24.19 -31.33 -18.27
C VAL D 302 24.81 -32.28 -17.25
N GLN D 303 25.93 -31.89 -16.66
CA GLN D 303 26.76 -32.82 -15.91
C GLN D 303 26.00 -33.53 -14.79
N HIS D 304 24.83 -32.99 -14.47
CA HIS D 304 24.05 -33.52 -13.36
C HIS D 304 22.88 -34.35 -13.85
N PHE D 305 22.74 -34.45 -15.15
CA PHE D 305 21.82 -35.41 -15.65
C PHE D 305 22.44 -36.81 -15.48
N TRP D 306 21.99 -37.54 -14.46
CA TRP D 306 22.50 -38.87 -14.27
C TRP D 306 21.72 -39.99 -14.98
N PHE D 307 22.33 -41.18 -15.13
CA PHE D 307 21.82 -42.26 -16.02
C PHE D 307 21.63 -43.62 -15.42
N GLY D 308 20.56 -44.26 -15.89
CA GLY D 308 20.28 -45.65 -15.55
C GLY D 308 20.45 -46.59 -16.72
N THR D 309 19.75 -47.71 -16.63
CA THR D 309 19.69 -48.76 -17.63
C THR D 309 18.23 -48.88 -18.03
N GLY D 310 17.39 -48.15 -17.33
CA GLY D 310 15.97 -48.15 -17.59
C GLY D 310 15.58 -47.19 -18.71
N PHE D 311 15.70 -45.88 -18.49
CA PHE D 311 15.05 -44.95 -19.38
C PHE D 311 16.05 -44.23 -20.24
N PHE D 312 17.16 -43.80 -19.65
CA PHE D 312 18.11 -42.94 -20.33
C PHE D 312 19.46 -43.53 -20.10
N PRO D 313 19.79 -44.59 -20.87
CA PRO D 313 20.93 -45.41 -20.52
C PRO D 313 22.15 -44.98 -21.31
N TRP D 314 23.32 -45.25 -20.77
CA TRP D 314 24.53 -44.59 -21.26
C TRP D 314 25.26 -45.49 -22.28
N VAL D 315 24.80 -45.47 -23.52
CA VAL D 315 25.11 -46.53 -24.46
C VAL D 315 25.17 -46.02 -25.91
N ASN D 316 26.31 -46.22 -26.60
CA ASN D 316 26.43 -45.73 -28.00
C ASN D 316 25.41 -46.33 -29.00
N ILE D 317 25.17 -45.66 -30.17
CA ILE D 317 24.44 -46.29 -31.32
C ILE D 317 25.19 -46.42 -32.71
N ALA E 2 -27.72 -2.37 16.40
CA ALA E 2 -26.62 -2.49 15.41
C ALA E 2 -26.82 -1.47 14.25
N ALA E 3 -28.08 -1.03 14.08
CA ALA E 3 -28.46 -0.09 13.05
C ALA E 3 -29.64 0.81 13.49
N PRO E 4 -29.74 2.05 12.96
CA PRO E 4 -30.83 2.85 13.55
C PRO E 4 -32.13 2.40 12.92
N LYS E 5 -33.18 2.25 13.71
CA LYS E 5 -34.52 1.96 13.22
C LYS E 5 -35.48 2.56 14.24
N ALA F 2 -30.34 9.59 29.72
CA ALA F 2 -30.80 11.00 29.56
C ALA F 2 -29.71 11.86 28.94
N ALA F 3 -28.45 11.54 29.20
CA ALA F 3 -27.37 12.43 28.89
C ALA F 3 -26.26 11.50 28.53
N PRO F 4 -25.41 11.85 27.57
CA PRO F 4 -24.43 10.81 27.21
C PRO F 4 -23.35 10.72 28.26
N LYS F 5 -22.89 9.49 28.45
CA LYS F 5 -21.84 9.19 29.39
C LYS F 5 -20.82 8.37 28.72
N ALA G 2 30.56 -9.83 -29.44
CA ALA G 2 30.58 -8.56 -28.66
C ALA G 2 29.27 -8.33 -27.93
N ALA G 3 28.13 -8.61 -28.54
CA ALA G 3 26.89 -8.33 -27.85
C ALA G 3 26.05 -9.53 -28.11
N PRO G 4 25.36 -10.09 -27.08
CA PRO G 4 24.58 -11.36 -27.19
C PRO G 4 23.45 -11.25 -28.18
N LYS G 5 23.10 -12.37 -28.79
CA LYS G 5 21.84 -12.41 -29.52
C LYS G 5 21.19 -13.79 -29.75
N ALA H 2 32.55 -26.19 -24.43
CA ALA H 2 31.55 -27.13 -23.89
C ALA H 2 31.65 -27.16 -22.35
N ALA H 3 32.71 -26.53 -21.85
CA ALA H 3 32.89 -26.21 -20.42
C ALA H 3 33.73 -24.92 -20.21
N PRO H 4 33.45 -24.16 -19.14
CA PRO H 4 34.16 -22.88 -19.13
C PRO H 4 35.61 -23.19 -18.73
N LYS H 5 36.57 -22.57 -19.41
CA LYS H 5 37.99 -22.80 -19.21
C LYS H 5 38.65 -21.27 -19.09
#